data_7TLT
#
_entry.id   7TLT
#
_cell.length_a   48.812
_cell.length_b   64.467
_cell.length_c   76.422
_cell.angle_alpha   106.530
_cell.angle_beta   92.430
_cell.angle_gamma   97.510
#
_symmetry.space_group_name_H-M   'P 1'
#
loop_
_entity.id
_entity.type
_entity.pdbx_description
1 polymer 'HLA class I histocompatibility antigen, A alpha chain'
2 polymer Beta-2-microglobulin
3 polymer 'Spike protein S1 peptide'
4 non-polymer 'SULFATE ION'
5 non-polymer 'MAGNESIUM ION'
6 non-polymer 'SODIUM ION'
7 water water
#
loop_
_entity_poly.entity_id
_entity_poly.type
_entity_poly.pdbx_seq_one_letter_code
_entity_poly.pdbx_strand_id
1 'polypeptide(L)'
;MAVMAPRTLLLLLLGALALTQTWAGSHSMRYFTTSVSRPGRGEPRFIAVGYVDDTQFVRFDSDAASQRMEPRAPWIEQEG
PEYWDLQTRNVKAQSQTDRANLGTLRGYYNQSEAGSHTIQMMYGCDVGSDGRFLRGYRQDAYDGKDYIALNEDLRSWTAA
DMAAQITQRKWEAARVAEQLRAYLEGTCVEWLRRYLENGKETLQRTDAPKTHMTHHAVSDHEATLRCWALSFYPAEITLT
WQRDGEDQTQDTELVETRPAGDGTFQKWASVVVPSGQEQRYTCHVQHEGLPKPLTLRWEPSSQPTIPIVGIIAGLVLFGA
VFAGAVVAAVRWRRKSSDRKGGSYSQAASSDSAQGSDMSLTACKV
;
A,C
2 'polypeptide(L)'
;MIQRTPKIQVYSRHPAENGKSNFLNCYVSGFHPSDIEVDLLKNGERIEKVEHSDLSFSKDWSFYLLYYTEFTPTEKDEYA
CRVNHVTLSQPKIVKWDRDM
;
B,D
3 'polypeptide(L)' YFPLQSYGF E,F
#
# COMPACT_ATOMS: atom_id res chain seq x y z
N GLY A 25 2.30 10.14 9.35
CA GLY A 25 1.01 10.81 9.48
C GLY A 25 -0.14 9.85 9.58
N SER A 26 -0.09 8.75 8.82
CA SER A 26 -1.07 7.66 8.77
C SER A 26 -1.18 6.89 10.12
N HIS A 27 -2.39 6.43 10.51
CA HIS A 27 -2.59 5.71 11.79
C HIS A 27 -3.25 4.34 11.69
N SER A 28 -2.93 3.47 12.67
CA SER A 28 -3.47 2.11 12.76
CA SER A 28 -3.47 2.10 12.76
C SER A 28 -4.02 1.77 14.15
N MET A 29 -4.98 0.83 14.19
CA MET A 29 -5.57 0.26 15.40
C MET A 29 -5.57 -1.24 15.20
N ARG A 30 -4.94 -1.97 16.15
CA ARG A 30 -4.78 -3.42 16.08
C ARG A 30 -5.10 -4.12 17.36
N TYR A 31 -5.84 -5.24 17.24
CA TYR A 31 -6.12 -6.14 18.35
C TYR A 31 -5.57 -7.52 17.94
N PHE A 32 -4.66 -8.05 18.78
CA PHE A 32 -4.04 -9.36 18.61
C PHE A 32 -4.54 -10.28 19.68
N THR A 33 -5.11 -11.44 19.30
CA THR A 33 -5.58 -12.44 20.27
C THR A 33 -4.82 -13.75 20.08
N THR A 34 -4.40 -14.37 21.20
CA THR A 34 -3.65 -15.64 21.13
C THR A 34 -4.26 -16.64 22.07
N SER A 35 -4.53 -17.82 21.56
CA SER A 35 -5.09 -18.87 22.40
C SER A 35 -4.26 -20.16 22.29
N VAL A 36 -3.63 -20.59 23.38
CA VAL A 36 -2.79 -21.79 23.39
C VAL A 36 -3.39 -22.91 24.24
N SER A 37 -3.67 -24.09 23.65
CA SER A 37 -4.21 -25.22 24.42
C SER A 37 -3.11 -25.85 25.24
N ARG A 38 -3.42 -26.22 26.50
CA ARG A 38 -2.45 -26.84 27.40
C ARG A 38 -3.03 -28.18 27.94
N PRO A 39 -3.01 -29.24 27.09
CA PRO A 39 -3.61 -30.53 27.49
C PRO A 39 -3.16 -31.08 28.85
N GLY A 40 -4.17 -31.43 29.65
CA GLY A 40 -3.98 -31.92 31.01
C GLY A 40 -3.90 -30.79 32.03
N ARG A 41 -2.99 -29.82 31.77
CA ARG A 41 -2.71 -28.63 32.58
C ARG A 41 -3.88 -27.60 32.71
N GLY A 42 -5.06 -27.91 32.15
CA GLY A 42 -6.22 -27.02 32.23
C GLY A 42 -6.68 -26.36 30.94
N GLU A 43 -7.53 -25.33 31.09
CA GLU A 43 -8.15 -24.54 30.01
C GLU A 43 -7.11 -23.75 29.18
N PRO A 44 -7.40 -23.45 27.89
CA PRO A 44 -6.39 -22.75 27.08
C PRO A 44 -5.94 -21.42 27.68
N ARG A 45 -4.69 -21.02 27.39
CA ARG A 45 -4.16 -19.73 27.81
C ARG A 45 -4.59 -18.74 26.72
N PHE A 46 -5.24 -17.65 27.15
CA PHE A 46 -5.69 -16.56 26.28
C PHE A 46 -5.03 -15.22 26.63
N ILE A 47 -4.52 -14.54 25.60
CA ILE A 47 -3.91 -13.21 25.74
C ILE A 47 -4.43 -12.30 24.61
N ALA A 48 -4.99 -11.13 25.00
CA ALA A 48 -5.42 -10.11 24.03
C ALA A 48 -4.71 -8.80 24.34
N VAL A 49 -4.25 -8.09 23.29
CA VAL A 49 -3.57 -6.79 23.37
C VAL A 49 -4.16 -5.89 22.33
N GLY A 50 -4.22 -4.59 22.66
CA GLY A 50 -4.70 -3.52 21.80
C GLY A 50 -3.60 -2.50 21.57
N TYR A 51 -3.35 -2.17 20.30
CA TYR A 51 -2.38 -1.16 19.85
C TYR A 51 -3.05 -0.09 19.03
N VAL A 52 -2.56 1.16 19.21
CA VAL A 52 -2.84 2.36 18.40
C VAL A 52 -1.41 2.65 17.93
N ASP A 53 -1.15 2.42 16.63
CA ASP A 53 0.19 2.50 16.05
C ASP A 53 1.15 1.55 16.82
N ASP A 54 2.26 2.09 17.32
CA ASP A 54 3.30 1.36 18.05
C ASP A 54 3.08 1.34 19.57
N THR A 55 1.95 1.89 20.06
CA THR A 55 1.67 1.97 21.48
C THR A 55 0.53 1.01 21.94
N GLN A 56 0.87 0.11 22.88
CA GLN A 56 -0.08 -0.80 23.49
C GLN A 56 -0.92 0.05 24.49
N PHE A 57 -2.24 -0.15 24.50
CA PHE A 57 -3.13 0.60 25.37
C PHE A 57 -4.08 -0.27 26.20
N VAL A 58 -4.24 -1.54 25.85
CA VAL A 58 -5.14 -2.49 26.55
C VAL A 58 -4.54 -3.85 26.59
N ARG A 59 -5.03 -4.66 27.53
CA ARG A 59 -4.60 -6.03 27.65
C ARG A 59 -5.64 -6.81 28.36
N PHE A 60 -5.67 -8.10 28.06
CA PHE A 60 -6.48 -9.10 28.74
C PHE A 60 -5.64 -10.35 28.74
N ASP A 61 -5.50 -10.94 29.92
CA ASP A 61 -4.78 -12.19 30.08
C ASP A 61 -5.65 -13.07 30.96
N SER A 62 -5.97 -14.27 30.46
CA SER A 62 -6.79 -15.25 31.17
C SER A 62 -6.18 -15.67 32.53
N ASP A 63 -4.85 -15.72 32.60
CA ASP A 63 -4.08 -16.08 33.79
C ASP A 63 -4.01 -15.02 34.88
N ALA A 64 -4.46 -13.81 34.58
CA ALA A 64 -4.45 -12.69 35.50
C ALA A 64 -5.63 -12.75 36.49
N ALA A 65 -5.46 -12.07 37.64
CA ALA A 65 -6.41 -11.99 38.75
C ALA A 65 -7.77 -11.33 38.41
N SER A 66 -7.76 -10.15 37.79
CA SER A 66 -8.92 -9.30 37.49
C SER A 66 -10.04 -9.91 36.67
N GLN A 67 -9.70 -10.64 35.59
CA GLN A 67 -10.64 -11.18 34.61
C GLN A 67 -11.34 -10.02 33.80
N ARG A 68 -10.65 -8.87 33.68
CA ARG A 68 -11.13 -7.65 33.00
C ARG A 68 -10.17 -7.20 31.90
N MET A 69 -10.69 -6.43 30.94
CA MET A 69 -9.86 -5.74 29.96
C MET A 69 -9.18 -4.62 30.81
N GLU A 70 -7.86 -4.52 30.74
CA GLU A 70 -7.12 -3.57 31.57
C GLU A 70 -6.40 -2.47 30.78
N PRO A 71 -6.39 -1.22 31.32
CA PRO A 71 -5.63 -0.14 30.66
C PRO A 71 -4.11 -0.37 30.72
N ARG A 72 -3.36 0.04 29.66
CA ARG A 72 -1.90 -0.03 29.56
C ARG A 72 -1.28 1.33 29.13
N ALA A 73 -2.10 2.38 28.96
CA ALA A 73 -1.65 3.73 28.61
C ALA A 73 -2.45 4.76 29.46
N PRO A 74 -1.86 5.87 29.95
CA PRO A 74 -2.61 6.80 30.83
C PRO A 74 -3.86 7.44 30.22
N TRP A 75 -3.91 7.59 28.89
CA TRP A 75 -5.05 8.20 28.22
C TRP A 75 -6.34 7.40 28.28
N ILE A 76 -6.30 6.08 28.05
CA ILE A 76 -7.49 5.22 27.98
C ILE A 76 -8.24 5.09 29.33
N GLU A 77 -7.59 5.43 30.44
CA GLU A 77 -8.18 5.35 31.79
C GLU A 77 -9.45 6.22 31.95
N GLN A 78 -9.53 7.34 31.24
CA GLN A 78 -10.64 8.30 31.27
C GLN A 78 -12.01 7.71 30.79
N GLU A 79 -12.00 6.52 30.17
CA GLU A 79 -13.22 5.85 29.70
C GLU A 79 -14.11 5.38 30.85
N GLY A 80 -15.41 5.50 30.65
CA GLY A 80 -16.41 5.11 31.64
C GLY A 80 -16.57 3.61 31.87
N PRO A 81 -17.37 3.25 32.92
CA PRO A 81 -17.60 1.83 33.24
C PRO A 81 -18.27 1.01 32.14
N GLU A 82 -19.20 1.61 31.37
CA GLU A 82 -19.86 0.89 30.28
C GLU A 82 -18.88 0.40 29.20
N TYR A 83 -17.82 1.18 28.94
CA TYR A 83 -16.78 0.87 27.96
C TYR A 83 -15.98 -0.34 28.46
N TRP A 84 -15.55 -0.30 29.74
CA TRP A 84 -14.74 -1.35 30.31
C TRP A 84 -15.49 -2.68 30.44
N ASP A 85 -16.79 -2.62 30.72
CA ASP A 85 -17.66 -3.78 30.82
C ASP A 85 -17.92 -4.37 29.44
N LEU A 86 -18.11 -3.51 28.42
CA LEU A 86 -18.36 -3.97 27.04
C LEU A 86 -17.09 -4.57 26.44
N GLN A 87 -15.92 -3.99 26.77
CA GLN A 87 -14.61 -4.50 26.34
C GLN A 87 -14.31 -5.83 27.01
N THR A 88 -14.60 -5.96 28.32
CA THR A 88 -14.44 -7.21 29.07
C THR A 88 -15.29 -8.31 28.47
N ARG A 89 -16.57 -8.02 28.24
CA ARG A 89 -17.55 -8.93 27.65
C ARG A 89 -17.04 -9.48 26.30
N ASN A 90 -16.67 -8.58 25.36
CA ASN A 90 -16.26 -8.91 24.01
C ASN A 90 -14.98 -9.75 23.93
N VAL A 91 -14.05 -9.51 24.86
CA VAL A 91 -12.77 -10.18 24.90
C VAL A 91 -12.89 -11.52 25.58
N LYS A 92 -13.73 -11.63 26.63
CA LYS A 92 -14.06 -12.90 27.29
C LYS A 92 -14.78 -13.86 26.28
N ALA A 93 -15.75 -13.33 25.51
CA ALA A 93 -16.50 -14.09 24.50
C ALA A 93 -15.55 -14.63 23.43
N GLN A 94 -14.50 -13.83 23.09
CA GLN A 94 -13.45 -14.25 22.15
C GLN A 94 -12.66 -15.45 22.67
N SER A 95 -12.15 -15.38 23.94
CA SER A 95 -11.39 -16.46 24.61
C SER A 95 -12.20 -17.76 24.71
N GLN A 96 -13.49 -17.64 25.02
CA GLN A 96 -14.42 -18.76 25.13
C GLN A 96 -14.75 -19.38 23.77
N THR A 97 -14.86 -18.58 22.71
CA THR A 97 -15.12 -19.09 21.36
C THR A 97 -13.87 -19.85 20.90
N ASP A 98 -12.67 -19.34 21.25
CA ASP A 98 -11.41 -19.99 20.94
C ASP A 98 -11.28 -21.39 21.51
N ARG A 99 -11.86 -21.62 22.71
CA ARG A 99 -11.84 -22.95 23.34
C ARG A 99 -12.68 -23.90 22.51
N ALA A 100 -13.80 -23.43 21.97
CA ALA A 100 -14.66 -24.28 21.13
C ALA A 100 -13.91 -24.54 19.84
N ASN A 101 -13.30 -23.47 19.32
CA ASN A 101 -12.54 -23.44 18.08
C ASN A 101 -11.32 -24.31 18.09
N LEU A 102 -10.60 -24.37 19.22
CA LEU A 102 -9.45 -25.25 19.40
C LEU A 102 -9.89 -26.75 19.28
N GLY A 103 -11.04 -27.09 19.86
CA GLY A 103 -11.61 -28.43 19.78
C GLY A 103 -12.09 -28.80 18.39
N THR A 104 -12.73 -27.83 17.69
CA THR A 104 -13.24 -28.04 16.31
C THR A 104 -12.13 -28.27 15.28
N LEU A 105 -11.01 -27.54 15.42
CA LEU A 105 -9.86 -27.69 14.51
C LEU A 105 -9.13 -29.03 14.73
N ARG A 106 -9.16 -29.56 15.98
CA ARG A 106 -8.64 -30.90 16.28
C ARG A 106 -9.48 -31.93 15.50
N GLY A 107 -10.78 -31.67 15.38
CA GLY A 107 -11.72 -32.48 14.63
C GLY A 107 -11.42 -32.43 13.13
N TYR A 108 -11.26 -31.20 12.57
CA TYR A 108 -10.98 -30.98 11.14
C TYR A 108 -9.67 -31.59 10.63
N TYR A 109 -8.59 -31.39 11.39
CA TYR A 109 -7.25 -31.87 11.02
C TYR A 109 -6.93 -33.23 11.61
N ASN A 110 -7.99 -33.94 12.08
CA ASN A 110 -7.91 -35.26 12.70
C ASN A 110 -6.68 -35.34 13.60
N GLN A 111 -6.64 -34.45 14.62
CA GLN A 111 -5.53 -34.30 15.58
C GLN A 111 -5.87 -34.80 16.98
N SER A 112 -4.83 -35.23 17.69
CA SER A 112 -4.84 -35.77 19.06
C SER A 112 -5.04 -34.71 20.16
N GLU A 113 -5.64 -35.11 21.28
CA GLU A 113 -5.87 -34.27 22.46
C GLU A 113 -4.57 -34.06 23.28
N ALA A 114 -3.47 -34.75 22.92
CA ALA A 114 -2.20 -34.69 23.66
C ALA A 114 -1.31 -33.51 23.31
N GLY A 115 -1.42 -33.01 22.07
CA GLY A 115 -0.59 -31.91 21.59
C GLY A 115 -1.14 -30.52 21.85
N SER A 116 -0.22 -29.54 21.94
CA SER A 116 -0.52 -28.12 22.16
CA SER A 116 -0.55 -28.14 22.17
C SER A 116 -0.80 -27.44 20.84
N HIS A 117 -1.84 -26.63 20.78
CA HIS A 117 -2.21 -25.88 19.58
C HIS A 117 -2.50 -24.43 19.87
N THR A 118 -2.28 -23.60 18.85
CA THR A 118 -2.46 -22.15 18.95
C THR A 118 -3.45 -21.63 17.94
N ILE A 119 -4.30 -20.69 18.39
CA ILE A 119 -5.18 -19.90 17.52
C ILE A 119 -4.74 -18.45 17.68
N GLN A 120 -4.54 -17.80 16.54
CA GLN A 120 -4.16 -16.39 16.49
C GLN A 120 -5.18 -15.64 15.66
N MET A 121 -5.46 -14.43 16.08
CA MET A 121 -6.39 -13.57 15.37
C MET A 121 -5.96 -12.09 15.45
N MET A 122 -6.13 -11.39 14.34
CA MET A 122 -5.88 -9.98 14.17
C MET A 122 -7.14 -9.29 13.65
N TYR A 123 -7.53 -8.24 14.34
CA TYR A 123 -8.61 -7.33 13.96
C TYR A 123 -8.09 -5.87 14.03
N GLY A 124 -8.48 -5.06 13.05
CA GLY A 124 -8.13 -3.65 13.07
C GLY A 124 -8.34 -2.85 11.81
N CYS A 125 -8.03 -1.57 11.88
CA CYS A 125 -8.21 -0.65 10.77
C CYS A 125 -7.05 0.32 10.62
N ASP A 126 -7.01 0.94 9.45
CA ASP A 126 -6.07 2.00 9.10
C ASP A 126 -6.82 3.26 8.71
N VAL A 127 -6.36 4.40 9.24
CA VAL A 127 -6.89 5.73 8.90
C VAL A 127 -5.73 6.55 8.34
N GLY A 128 -6.07 7.56 7.55
CA GLY A 128 -5.07 8.48 7.02
C GLY A 128 -4.89 9.62 8.01
N SER A 129 -3.87 10.46 7.78
CA SER A 129 -3.53 11.64 8.58
C SER A 129 -4.72 12.58 8.72
N ASP A 130 -5.56 12.70 7.68
CA ASP A 130 -6.80 13.48 7.66
C ASP A 130 -7.97 12.77 8.42
N GLY A 131 -7.75 11.51 8.82
CA GLY A 131 -8.73 10.70 9.55
C GLY A 131 -9.63 9.78 8.73
N ARG A 132 -9.54 9.86 7.37
CA ARG A 132 -10.38 9.03 6.49
C ARG A 132 -10.06 7.52 6.65
N PHE A 133 -11.04 6.63 6.36
CA PHE A 133 -10.83 5.18 6.40
C PHE A 133 -9.93 4.74 5.23
N LEU A 134 -8.88 3.95 5.53
CA LEU A 134 -7.99 3.42 4.51
C LEU A 134 -8.20 1.92 4.34
N ARG A 135 -8.16 1.15 5.45
CA ARG A 135 -8.24 -0.31 5.37
C ARG A 135 -8.77 -1.00 6.64
N GLY A 136 -9.42 -2.15 6.45
CA GLY A 136 -9.96 -3.00 7.51
C GLY A 136 -9.32 -4.38 7.47
N TYR A 137 -9.24 -5.05 8.64
CA TYR A 137 -8.64 -6.37 8.73
C TYR A 137 -9.33 -7.29 9.68
N ARG A 138 -9.37 -8.56 9.29
CA ARG A 138 -9.82 -9.70 10.07
C ARG A 138 -9.12 -10.94 9.49
N GLN A 139 -8.11 -11.41 10.23
CA GLN A 139 -7.31 -12.58 9.82
C GLN A 139 -7.14 -13.55 10.99
N ASP A 140 -7.20 -14.86 10.71
CA ASP A 140 -7.06 -15.93 11.71
C ASP A 140 -5.99 -16.96 11.29
N ALA A 141 -5.18 -17.39 12.24
CA ALA A 141 -4.16 -18.38 11.97
C ALA A 141 -4.29 -19.60 12.90
N TYR A 142 -3.87 -20.76 12.42
CA TYR A 142 -3.86 -21.98 13.23
C TYR A 142 -2.45 -22.49 13.15
N ASP A 143 -1.78 -22.61 14.33
CA ASP A 143 -0.40 -23.07 14.49
C ASP A 143 0.62 -22.30 13.63
N GLY A 144 0.51 -20.97 13.60
CA GLY A 144 1.44 -20.11 12.86
C GLY A 144 1.19 -19.96 11.38
N LYS A 145 0.26 -20.73 10.83
CA LYS A 145 -0.10 -20.68 9.40
C LYS A 145 -1.50 -20.07 9.21
N ASP A 146 -1.72 -19.40 8.09
CA ASP A 146 -2.97 -18.79 7.70
C ASP A 146 -4.07 -19.81 7.70
N TYR A 147 -5.24 -19.45 8.24
CA TYR A 147 -6.40 -20.33 8.25
C TYR A 147 -7.40 -19.69 7.29
N ILE A 148 -7.97 -18.54 7.70
CA ILE A 148 -8.92 -17.76 6.90
C ILE A 148 -8.69 -16.25 7.09
N ALA A 149 -8.96 -15.46 6.01
CA ALA A 149 -8.82 -14.02 6.02
C ALA A 149 -9.94 -13.32 5.27
N LEU A 150 -10.35 -12.15 5.76
CA LEU A 150 -11.27 -11.30 5.04
C LEU A 150 -10.42 -10.55 3.98
N ASN A 151 -10.89 -10.51 2.74
CA ASN A 151 -10.17 -9.83 1.66
C ASN A 151 -10.26 -8.31 1.81
N GLU A 152 -9.38 -7.56 1.11
CA GLU A 152 -9.37 -6.09 1.22
C GLU A 152 -10.71 -5.43 0.93
N ASP A 153 -11.49 -5.99 -0.02
CA ASP A 153 -12.82 -5.48 -0.37
C ASP A 153 -13.80 -5.59 0.79
N LEU A 154 -13.46 -6.39 1.84
CA LEU A 154 -14.29 -6.61 3.04
C LEU A 154 -15.66 -7.27 2.71
N ARG A 155 -15.69 -8.10 1.65
CA ARG A 155 -16.87 -8.74 1.09
C ARG A 155 -16.66 -10.23 0.72
N SER A 156 -15.40 -10.67 0.64
CA SER A 156 -15.03 -12.05 0.32
CA SER A 156 -15.04 -12.05 0.32
C SER A 156 -13.95 -12.54 1.27
N TRP A 157 -13.74 -13.88 1.32
CA TRP A 157 -12.77 -14.57 2.15
C TRP A 157 -11.75 -15.27 1.31
N THR A 158 -10.61 -15.54 1.93
CA THR A 158 -9.52 -16.36 1.41
C THR A 158 -9.35 -17.44 2.45
N ALA A 159 -9.58 -18.70 2.05
CA ALA A 159 -9.41 -19.86 2.93
C ALA A 159 -8.10 -20.53 2.56
N ALA A 160 -7.24 -20.84 3.53
CA ALA A 160 -5.93 -21.43 3.25
C ALA A 160 -5.95 -22.91 2.80
N ASP A 161 -7.02 -23.69 3.12
CA ASP A 161 -7.15 -25.12 2.76
C ASP A 161 -8.62 -25.65 2.81
N MET A 162 -8.83 -26.98 2.76
CA MET A 162 -10.15 -27.61 2.80
C MET A 162 -10.90 -27.42 4.13
N ALA A 163 -10.16 -27.38 5.26
CA ALA A 163 -10.72 -27.22 6.60
C ALA A 163 -11.22 -25.77 6.77
N ALA A 164 -10.45 -24.81 6.25
CA ALA A 164 -10.80 -23.39 6.27
C ALA A 164 -11.98 -23.10 5.32
N GLN A 165 -12.20 -24.01 4.33
CA GLN A 165 -13.33 -23.97 3.41
C GLN A 165 -14.62 -24.43 4.10
N ILE A 166 -14.55 -25.19 5.23
CA ILE A 166 -15.76 -25.58 6.00
C ILE A 166 -16.21 -24.29 6.72
N THR A 167 -15.27 -23.63 7.41
CA THR A 167 -15.46 -22.34 8.08
C THR A 167 -16.00 -21.27 7.10
N GLN A 168 -15.46 -21.24 5.86
CA GLN A 168 -15.88 -20.25 4.84
C GLN A 168 -17.34 -20.38 4.48
N ARG A 169 -17.83 -21.62 4.25
CA ARG A 169 -19.22 -21.87 3.90
C ARG A 169 -20.17 -21.37 5.00
N LYS A 170 -19.80 -21.61 6.29
CA LYS A 170 -20.52 -21.20 7.51
C LYS A 170 -20.62 -19.69 7.62
N TRP A 171 -19.48 -19.01 7.45
CA TRP A 171 -19.33 -17.58 7.49
C TRP A 171 -20.02 -16.90 6.35
N GLU A 172 -20.03 -17.52 5.13
CA GLU A 172 -20.78 -16.96 4.00
C GLU A 172 -22.29 -17.15 4.25
N ALA A 173 -22.69 -18.33 4.74
CA ALA A 173 -24.10 -18.59 5.10
C ALA A 173 -24.63 -17.58 6.16
N ALA A 174 -23.83 -17.31 7.23
CA ALA A 174 -24.16 -16.45 8.35
C ALA A 174 -23.89 -14.97 8.15
N ARG A 175 -23.37 -14.57 6.99
CA ARG A 175 -23.13 -13.16 6.61
C ARG A 175 -22.14 -12.43 7.57
N VAL A 176 -21.08 -13.14 7.93
CA VAL A 176 -20.04 -12.65 8.83
C VAL A 176 -19.32 -11.40 8.23
N ALA A 177 -19.04 -11.38 6.90
CA ALA A 177 -18.37 -10.26 6.21
C ALA A 177 -19.11 -8.91 6.34
N GLU A 178 -20.45 -8.90 6.22
CA GLU A 178 -21.28 -7.70 6.38
C GLU A 178 -21.20 -7.15 7.79
N GLN A 179 -21.22 -8.01 8.83
CA GLN A 179 -21.08 -7.50 10.19
C GLN A 179 -19.70 -6.90 10.42
N LEU A 180 -18.64 -7.59 9.95
CA LEU A 180 -17.27 -7.13 10.06
C LEU A 180 -17.03 -5.79 9.35
N ARG A 181 -17.52 -5.67 8.10
CA ARG A 181 -17.43 -4.46 7.28
C ARG A 181 -18.11 -3.24 7.96
N ALA A 182 -19.25 -3.47 8.60
CA ALA A 182 -20.01 -2.47 9.35
C ALA A 182 -19.18 -1.99 10.56
N TYR A 183 -18.50 -2.94 11.25
CA TYR A 183 -17.62 -2.65 12.39
C TYR A 183 -16.39 -1.90 11.92
N LEU A 184 -15.82 -2.28 10.78
CA LEU A 184 -14.57 -1.68 10.30
C LEU A 184 -14.73 -0.25 9.77
N GLU A 185 -15.74 -0.04 8.89
CA GLU A 185 -16.09 1.21 8.24
C GLU A 185 -16.77 2.18 9.20
N GLY A 186 -17.44 1.64 10.20
CA GLY A 186 -18.10 2.44 11.22
C GLY A 186 -17.25 2.50 12.47
N THR A 187 -17.65 1.73 13.47
CA THR A 187 -17.05 1.56 14.79
C THR A 187 -15.52 1.76 14.89
N CYS A 188 -14.72 0.96 14.14
CA CYS A 188 -13.26 0.93 14.19
C CYS A 188 -12.63 2.31 13.97
N VAL A 189 -12.96 3.00 12.85
CA VAL A 189 -12.44 4.33 12.51
C VAL A 189 -12.89 5.41 13.51
N GLU A 190 -14.16 5.37 13.99
CA GLU A 190 -14.69 6.36 14.94
C GLU A 190 -13.93 6.31 16.29
N TRP A 191 -13.71 5.08 16.82
CA TRP A 191 -12.99 4.87 18.07
C TRP A 191 -11.53 5.21 17.95
N LEU A 192 -10.93 4.97 16.78
CA LEU A 192 -9.53 5.28 16.53
C LEU A 192 -9.31 6.82 16.53
N ARG A 193 -10.12 7.55 15.74
CA ARG A 193 -10.13 9.01 15.68
C ARG A 193 -10.29 9.59 17.13
N ARG A 194 -11.18 8.97 17.94
CA ARG A 194 -11.41 9.30 19.34
C ARG A 194 -10.15 9.06 20.21
N TYR A 195 -9.47 7.92 19.99
CA TYR A 195 -8.25 7.58 20.71
C TYR A 195 -7.16 8.58 20.39
N LEU A 196 -7.00 8.90 19.11
CA LEU A 196 -6.00 9.85 18.60
C LEU A 196 -6.17 11.26 19.18
N GLU A 197 -7.42 11.71 19.39
CA GLU A 197 -7.73 13.00 20.00
C GLU A 197 -7.47 12.97 21.52
N ASN A 198 -8.01 11.97 22.22
CA ASN A 198 -7.88 11.83 23.68
C ASN A 198 -6.46 11.44 24.13
N GLY A 199 -5.72 10.77 23.25
CA GLY A 199 -4.37 10.29 23.50
C GLY A 199 -3.30 11.04 22.72
N LYS A 200 -3.70 12.20 22.19
CA LYS A 200 -2.91 13.12 21.36
C LYS A 200 -1.45 13.33 21.83
N GLU A 201 -1.25 13.69 23.12
CA GLU A 201 0.08 14.02 23.67
C GLU A 201 1.09 12.85 23.62
N THR A 202 0.60 11.61 23.43
CA THR A 202 1.39 10.37 23.30
C THR A 202 1.32 9.85 21.82
N LEU A 203 0.11 9.58 21.34
CA LEU A 203 -0.15 9.02 20.02
C LEU A 203 0.33 9.84 18.83
N GLN A 204 0.15 11.16 18.86
CA GLN A 204 0.45 12.07 17.74
C GLN A 204 1.73 12.87 17.89
N ARG A 205 2.46 12.70 19.01
CA ARG A 205 3.77 13.30 19.22
C ARG A 205 4.74 12.64 18.19
N THR A 206 5.76 13.39 17.76
CA THR A 206 6.75 12.84 16.86
C THR A 206 8.11 13.12 17.51
N ASP A 207 8.51 12.25 18.47
CA ASP A 207 9.81 12.40 19.13
C ASP A 207 10.92 12.11 18.14
N ALA A 208 11.65 13.17 17.73
CA ALA A 208 12.80 13.10 16.84
C ALA A 208 13.90 12.27 17.50
N PRO A 209 14.63 11.45 16.75
CA PRO A 209 15.70 10.66 17.37
C PRO A 209 16.87 11.52 17.85
N LYS A 210 17.36 11.23 19.04
CA LYS A 210 18.58 11.84 19.57
C LYS A 210 19.64 10.95 18.91
N THR A 211 20.61 11.58 18.24
CA THR A 211 21.62 10.86 17.48
C THR A 211 23.01 11.04 18.01
N HIS A 212 23.86 10.07 17.74
CA HIS A 212 25.30 10.11 18.03
C HIS A 212 26.06 8.99 17.31
N MET A 213 27.37 9.19 17.18
CA MET A 213 28.28 8.25 16.55
C MET A 213 29.39 7.82 17.49
N THR A 214 29.66 6.50 17.51
CA THR A 214 30.74 5.87 18.25
C THR A 214 31.79 5.34 17.26
N HIS A 215 32.99 5.03 17.77
CA HIS A 215 34.12 4.55 16.97
C HIS A 215 34.89 3.46 17.73
N HIS A 216 35.23 2.36 17.04
CA HIS A 216 35.94 1.22 17.61
C HIS A 216 36.97 0.68 16.63
N ALA A 217 38.22 0.50 17.06
CA ALA A 217 39.28 -0.07 16.22
C ALA A 217 39.06 -1.59 16.10
N VAL A 218 39.16 -2.12 14.88
CA VAL A 218 38.96 -3.56 14.61
C VAL A 218 40.36 -4.16 14.42
N SER A 219 41.19 -3.49 13.61
CA SER A 219 42.58 -3.77 13.31
C SER A 219 43.24 -2.38 13.14
N ASP A 220 44.55 -2.28 12.83
CA ASP A 220 45.08 -0.91 12.68
C ASP A 220 44.92 -0.42 11.24
N HIS A 221 44.23 -1.23 10.41
CA HIS A 221 43.87 -0.98 9.01
C HIS A 221 42.37 -0.74 8.86
N GLU A 222 41.54 -1.33 9.75
CA GLU A 222 40.08 -1.20 9.72
C GLU A 222 39.48 -0.73 11.07
N ALA A 223 38.41 0.08 11.01
CA ALA A 223 37.69 0.60 12.18
C ALA A 223 36.19 0.48 11.95
N THR A 224 35.42 0.41 13.04
CA THR A 224 33.96 0.29 13.00
C THR A 224 33.40 1.62 13.43
N LEU A 225 32.42 2.12 12.65
CA LEU A 225 31.68 3.35 13.00
C LEU A 225 30.25 2.95 13.29
N ARG A 226 29.72 3.37 14.43
CA ARG A 226 28.34 3.05 14.77
C ARG A 226 27.50 4.29 14.90
N CYS A 227 26.41 4.30 14.15
CA CYS A 227 25.46 5.37 14.08
C CYS A 227 24.16 5.01 14.85
N TRP A 228 23.89 5.73 15.96
CA TRP A 228 22.79 5.58 16.91
C TRP A 228 21.66 6.56 16.75
N ALA A 229 20.41 6.07 16.87
CA ALA A 229 19.16 6.85 16.87
C ALA A 229 18.38 6.35 18.08
N LEU A 230 18.23 7.23 19.08
CA LEU A 230 17.56 6.86 20.33
C LEU A 230 16.36 7.76 20.65
N SER A 231 15.46 7.27 21.50
CA SER A 231 14.27 7.96 22.03
C SER A 231 13.29 8.47 20.96
N PHE A 232 13.15 7.75 19.86
CA PHE A 232 12.25 8.23 18.84
C PHE A 232 10.89 7.54 18.87
N TYR A 233 9.86 8.26 18.40
CA TYR A 233 8.50 7.77 18.25
C TYR A 233 7.93 8.51 17.04
N PRO A 234 7.26 7.85 16.08
CA PRO A 234 6.99 6.40 15.96
C PRO A 234 8.22 5.59 15.56
N ALA A 235 8.09 4.23 15.57
CA ALA A 235 9.12 3.24 15.24
C ALA A 235 9.71 3.33 13.82
N GLU A 236 8.96 3.89 12.84
CA GLU A 236 9.44 4.01 11.46
C GLU A 236 10.62 4.99 11.36
N ILE A 237 11.74 4.51 10.83
CA ILE A 237 12.97 5.27 10.69
C ILE A 237 13.83 4.65 9.61
N THR A 238 14.57 5.49 8.89
CA THR A 238 15.54 5.09 7.87
C THR A 238 16.92 5.58 8.29
N LEU A 239 17.89 4.64 8.41
CA LEU A 239 19.29 4.95 8.71
C LEU A 239 20.12 4.41 7.58
N THR A 240 20.90 5.26 6.93
CA THR A 240 21.74 4.79 5.81
C THR A 240 23.15 5.33 5.89
N TRP A 241 24.12 4.53 5.40
CA TRP A 241 25.53 4.92 5.29
C TRP A 241 25.84 5.37 3.86
N GLN A 242 26.75 6.35 3.75
CA GLN A 242 27.23 6.83 2.46
C GLN A 242 28.73 7.01 2.53
N ARG A 243 29.42 6.72 1.40
CA ARG A 243 30.88 6.95 1.29
C ARG A 243 31.03 7.97 0.16
N ASP A 244 31.49 9.20 0.51
CA ASP A 244 31.67 10.31 -0.44
C ASP A 244 30.39 10.65 -1.20
N GLY A 245 29.27 10.65 -0.48
CA GLY A 245 27.94 10.96 -1.01
C GLY A 245 27.37 9.88 -1.89
N GLU A 246 27.89 8.64 -1.79
CA GLU A 246 27.44 7.47 -2.56
C GLU A 246 26.97 6.34 -1.64
N ASP A 247 25.86 5.68 -2.01
CA ASP A 247 25.22 4.60 -1.24
C ASP A 247 26.22 3.49 -0.91
N GLN A 248 26.30 3.10 0.38
CA GLN A 248 27.17 2.00 0.80
C GLN A 248 26.36 0.91 1.53
N THR A 249 26.40 -0.32 0.99
CA THR A 249 25.73 -1.49 1.58
C THR A 249 26.78 -2.50 2.07
N GLN A 250 27.96 -2.52 1.39
CA GLN A 250 29.11 -3.40 1.67
C GLN A 250 29.69 -3.05 3.04
N ASP A 251 30.02 -4.10 3.84
CA ASP A 251 30.58 -4.04 5.20
C ASP A 251 29.71 -3.20 6.17
N THR A 252 28.37 -3.31 6.02
CA THR A 252 27.43 -2.62 6.89
C THR A 252 26.57 -3.60 7.68
N GLU A 253 26.12 -3.15 8.86
CA GLU A 253 25.19 -3.90 9.73
C GLU A 253 24.09 -2.95 10.20
N LEU A 254 22.88 -3.47 10.31
CA LEU A 254 21.69 -2.74 10.70
C LEU A 254 20.86 -3.63 11.62
N VAL A 255 20.67 -3.22 12.89
CA VAL A 255 19.81 -4.00 13.78
C VAL A 255 18.36 -3.59 13.54
N GLU A 256 17.43 -4.50 13.76
CA GLU A 256 15.99 -4.23 13.69
C GLU A 256 15.59 -3.28 14.85
N THR A 257 14.60 -2.40 14.57
CA THR A 257 14.07 -1.42 15.54
C THR A 257 13.58 -2.14 16.82
N ARG A 258 13.98 -1.60 17.98
CA ARG A 258 13.69 -2.23 19.27
C ARG A 258 13.02 -1.26 20.26
N PRO A 259 12.07 -1.74 21.10
CA PRO A 259 11.47 -0.84 22.11
C PRO A 259 12.48 -0.52 23.22
N ALA A 260 12.54 0.74 23.65
CA ALA A 260 13.41 1.15 24.77
C ALA A 260 12.76 0.76 26.14
N GLY A 261 11.46 0.51 26.12
CA GLY A 261 10.70 0.12 27.31
C GLY A 261 9.79 1.18 27.88
N ASP A 262 10.00 2.45 27.49
CA ASP A 262 9.25 3.63 27.95
C ASP A 262 8.41 4.30 26.81
N GLY A 263 7.99 3.52 25.83
CA GLY A 263 7.26 4.02 24.67
C GLY A 263 8.11 4.46 23.48
N THR A 264 9.45 4.63 23.65
CA THR A 264 10.31 5.07 22.53
C THR A 264 11.04 3.91 21.88
N PHE A 265 11.75 4.17 20.78
CA PHE A 265 12.45 3.13 20.04
C PHE A 265 13.91 3.48 19.84
N GLN A 266 14.67 2.44 19.52
CA GLN A 266 16.09 2.53 19.29
C GLN A 266 16.46 1.85 18.01
N LYS A 267 17.55 2.34 17.39
CA LYS A 267 18.15 1.75 16.20
C LYS A 267 19.61 2.19 16.08
N TRP A 268 20.42 1.30 15.49
CA TRP A 268 21.77 1.59 15.11
C TRP A 268 22.10 0.92 13.77
N ALA A 269 23.15 1.47 13.13
CA ALA A 269 23.72 1.02 11.87
C ALA A 269 25.22 1.20 11.95
N SER A 270 25.97 0.22 11.49
CA SER A 270 27.44 0.30 11.50
C SER A 270 28.07 0.07 10.13
N VAL A 271 29.28 0.60 9.97
CA VAL A 271 30.11 0.38 8.80
C VAL A 271 31.58 0.12 9.23
N VAL A 272 32.23 -0.84 8.59
CA VAL A 272 33.66 -1.11 8.78
C VAL A 272 34.38 -0.32 7.67
N VAL A 273 35.21 0.64 8.10
CA VAL A 273 35.94 1.56 7.25
C VAL A 273 37.47 1.40 7.36
N PRO A 274 38.26 1.73 6.28
CA PRO A 274 39.72 1.75 6.42
C PRO A 274 40.15 2.91 7.34
N SER A 275 41.17 2.70 8.20
CA SER A 275 41.67 3.68 9.16
C SER A 275 42.19 4.97 8.50
N GLY A 276 41.68 6.10 8.97
CA GLY A 276 42.01 7.42 8.41
C GLY A 276 40.99 7.93 7.40
N GLN A 277 40.04 7.07 6.99
CA GLN A 277 39.01 7.41 6.00
C GLN A 277 37.63 7.62 6.64
N GLU A 278 37.60 7.76 7.98
CA GLU A 278 36.39 7.91 8.81
C GLU A 278 35.56 9.13 8.40
N GLN A 279 36.23 10.21 8.05
CA GLN A 279 35.68 11.48 7.64
C GLN A 279 34.97 11.37 6.27
N ARG A 280 35.25 10.31 5.48
CA ARG A 280 34.60 10.13 4.19
C ARG A 280 33.16 9.57 4.29
N TYR A 281 32.83 9.00 5.48
CA TYR A 281 31.52 8.35 5.71
C TYR A 281 30.54 9.22 6.44
N THR A 282 29.29 9.18 5.96
CA THR A 282 28.17 9.87 6.57
C THR A 282 27.02 8.92 6.81
N CYS A 283 26.36 9.13 7.94
CA CYS A 283 25.19 8.38 8.30
CA CYS A 283 25.19 8.38 8.30
C CYS A 283 24.00 9.31 8.19
N HIS A 284 23.06 8.95 7.33
CA HIS A 284 21.85 9.69 7.03
C HIS A 284 20.69 9.12 7.82
N VAL A 285 19.98 10.00 8.57
CA VAL A 285 18.86 9.66 9.48
C VAL A 285 17.55 10.31 9.03
N GLN A 286 16.51 9.49 8.83
CA GLN A 286 15.21 10.01 8.41
C GLN A 286 14.11 9.53 9.29
N HIS A 287 13.38 10.47 9.89
CA HIS A 287 12.28 10.24 10.81
C HIS A 287 11.25 11.35 10.61
N GLU A 288 9.96 11.02 10.85
CA GLU A 288 8.79 11.93 10.79
C GLU A 288 9.02 13.19 11.65
N GLY A 289 9.66 13.02 12.81
CA GLY A 289 9.94 14.09 13.75
C GLY A 289 11.02 15.06 13.37
N LEU A 290 11.69 14.82 12.24
CA LEU A 290 12.74 15.68 11.74
C LEU A 290 12.24 16.49 10.55
N PRO A 291 12.31 17.85 10.61
CA PRO A 291 11.84 18.67 9.46
C PRO A 291 12.67 18.41 8.19
N LYS A 292 13.99 18.22 8.37
CA LYS A 292 14.94 17.87 7.31
C LYS A 292 15.87 16.71 7.77
N PRO A 293 16.28 15.79 6.86
CA PRO A 293 17.18 14.68 7.27
C PRO A 293 18.48 15.16 7.89
N LEU A 294 18.95 14.45 8.92
CA LEU A 294 20.20 14.75 9.61
C LEU A 294 21.32 13.92 9.00
N THR A 295 22.51 14.51 8.90
CA THR A 295 23.68 13.78 8.41
C THR A 295 24.77 13.82 9.52
N LEU A 296 25.28 12.63 9.89
CA LEU A 296 26.32 12.48 10.91
C LEU A 296 27.64 12.07 10.25
N ARG A 297 28.73 12.70 10.66
CA ARG A 297 30.08 12.44 10.17
C ARG A 297 31.04 12.39 11.37
N TRP A 298 31.89 11.36 11.46
CA TRP A 298 32.87 11.25 12.55
C TRP A 298 33.93 12.38 12.48
N GLU A 299 34.26 12.96 13.66
CA GLU A 299 35.23 14.05 13.89
C GLU A 299 36.62 13.76 13.28
N ILE B 2 4.02 -24.88 11.77
CA ILE B 2 5.23 -24.12 11.44
C ILE B 2 6.13 -23.87 12.69
N GLN B 3 7.44 -23.63 12.46
CA GLN B 3 8.44 -23.31 13.48
C GLN B 3 9.38 -22.20 13.02
N ARG B 4 9.70 -21.24 13.93
CA ARG B 4 10.52 -20.03 13.71
C ARG B 4 11.44 -19.76 14.91
N THR B 5 12.71 -19.46 14.62
CA THR B 5 13.78 -19.20 15.59
C THR B 5 13.72 -17.76 16.11
N PRO B 6 13.92 -17.55 17.44
CA PRO B 6 13.94 -16.19 17.97
C PRO B 6 15.19 -15.39 17.60
N LYS B 7 15.00 -14.09 17.32
CA LYS B 7 16.06 -13.12 17.10
C LYS B 7 16.16 -12.51 18.49
N ILE B 8 17.37 -12.24 18.97
CA ILE B 8 17.58 -11.75 20.33
C ILE B 8 18.43 -10.48 20.35
N GLN B 9 18.04 -9.49 21.21
CA GLN B 9 18.83 -8.27 21.40
C GLN B 9 18.92 -7.96 22.88
N VAL B 10 20.14 -7.71 23.41
CA VAL B 10 20.36 -7.32 24.82
C VAL B 10 20.89 -5.91 24.78
N TYR B 11 20.30 -5.02 25.57
CA TYR B 11 20.63 -3.61 25.59
C TYR B 11 19.95 -2.94 26.78
N SER B 12 20.41 -1.73 27.12
CA SER B 12 19.83 -0.91 28.18
C SER B 12 18.82 0.11 27.59
N ARG B 13 17.85 0.53 28.44
CA ARG B 13 16.88 1.56 28.05
C ARG B 13 17.64 2.86 27.71
N HIS B 14 18.64 3.23 28.51
CA HIS B 14 19.40 4.46 28.31
C HIS B 14 20.88 4.19 28.13
N PRO B 15 21.68 5.15 27.58
CA PRO B 15 23.14 4.94 27.54
C PRO B 15 23.65 4.71 28.96
N ALA B 16 24.35 3.59 29.15
CA ALA B 16 24.86 3.14 30.43
C ALA B 16 25.86 4.11 31.04
N GLU B 17 25.72 4.30 32.35
CA GLU B 17 26.57 5.15 33.17
C GLU B 17 26.74 4.40 34.46
N ASN B 18 27.99 4.05 34.78
CA ASN B 18 28.30 3.28 35.98
C ASN B 18 27.77 3.98 37.23
N GLY B 19 26.95 3.27 37.99
CA GLY B 19 26.36 3.79 39.21
C GLY B 19 25.02 4.48 39.06
N LYS B 20 24.52 4.61 37.80
CA LYS B 20 23.22 5.25 37.53
C LYS B 20 22.20 4.17 37.21
N SER B 21 21.03 4.25 37.85
CA SER B 21 19.94 3.30 37.66
C SER B 21 19.43 3.38 36.20
N ASN B 22 18.99 2.22 35.66
CA ASN B 22 18.60 2.03 34.29
C ASN B 22 17.82 0.72 34.21
N PHE B 23 17.49 0.33 32.99
CA PHE B 23 16.78 -0.89 32.70
C PHE B 23 17.59 -1.73 31.75
N LEU B 24 17.59 -3.04 31.97
CA LEU B 24 18.26 -4.01 31.11
C LEU B 24 17.18 -4.72 30.32
N ASN B 25 17.34 -4.82 28.99
CA ASN B 25 16.32 -5.43 28.16
C ASN B 25 16.78 -6.61 27.34
N CYS B 26 15.86 -7.58 27.15
CA CYS B 26 16.06 -8.71 26.27
C CYS B 26 14.82 -8.77 25.34
N TYR B 27 15.00 -8.34 24.11
CA TYR B 27 13.94 -8.29 23.13
C TYR B 27 13.99 -9.51 22.25
N VAL B 28 13.04 -10.41 22.46
CA VAL B 28 12.96 -11.65 21.68
C VAL B 28 11.85 -11.53 20.61
N SER B 29 12.14 -11.84 19.36
CA SER B 29 11.12 -11.69 18.31
C SER B 29 11.22 -12.75 17.22
N GLY B 30 10.21 -12.79 16.35
CA GLY B 30 10.16 -13.70 15.22
C GLY B 30 10.11 -15.17 15.58
N PHE B 31 9.50 -15.53 16.70
CA PHE B 31 9.46 -16.95 17.08
C PHE B 31 8.08 -17.54 17.06
N HIS B 32 8.03 -18.84 16.85
CA HIS B 32 6.80 -19.64 16.84
C HIS B 32 7.13 -21.09 17.18
N PRO B 33 6.45 -21.75 18.14
CA PRO B 33 5.30 -21.28 18.96
C PRO B 33 5.72 -20.32 20.08
N SER B 34 4.72 -19.81 20.81
CA SER B 34 4.80 -18.81 21.86
C SER B 34 5.53 -19.23 23.12
N ASP B 35 5.70 -20.54 23.34
CA ASP B 35 6.36 -21.09 24.52
C ASP B 35 7.86 -20.70 24.54
N ILE B 36 8.26 -19.90 25.52
CA ILE B 36 9.63 -19.42 25.58
C ILE B 36 10.09 -19.18 27.01
N GLU B 37 11.36 -19.47 27.27
CA GLU B 37 12.00 -19.23 28.56
C GLU B 37 13.13 -18.22 28.35
N VAL B 38 13.06 -17.09 29.04
CA VAL B 38 14.01 -16.00 28.92
C VAL B 38 14.44 -15.61 30.33
N ASP B 39 15.76 -15.55 30.55
CA ASP B 39 16.35 -15.16 31.82
C ASP B 39 17.39 -14.06 31.63
N LEU B 40 17.41 -13.13 32.58
CA LEU B 40 18.40 -12.06 32.58
C LEU B 40 19.41 -12.45 33.64
N LEU B 41 20.68 -12.55 33.28
CA LEU B 41 21.70 -12.99 34.23
C LEU B 41 22.67 -11.89 34.59
N LYS B 42 23.11 -11.91 35.84
CA LYS B 42 24.13 -11.03 36.42
C LYS B 42 25.28 -11.99 36.82
N ASN B 43 26.49 -11.76 36.31
CA ASN B 43 27.68 -12.58 36.56
C ASN B 43 27.41 -14.12 36.45
N GLY B 44 26.63 -14.50 35.41
CA GLY B 44 26.23 -15.89 35.14
C GLY B 44 25.04 -16.41 35.91
N GLU B 45 24.52 -15.66 36.93
CA GLU B 45 23.37 -16.08 37.77
C GLU B 45 22.05 -15.31 37.50
N ARG B 46 20.91 -16.03 37.62
CA ARG B 46 19.55 -15.53 37.36
C ARG B 46 19.07 -14.43 38.27
N ILE B 47 18.53 -13.37 37.66
CA ILE B 47 17.87 -12.23 38.31
C ILE B 47 16.38 -12.67 38.47
N GLU B 48 15.75 -12.53 39.68
CA GLU B 48 14.39 -13.05 39.85
C GLU B 48 13.26 -12.02 39.64
N LYS B 49 13.44 -10.75 40.02
CA LYS B 49 12.37 -9.77 39.77
C LYS B 49 12.51 -9.29 38.32
N VAL B 50 12.01 -10.13 37.37
CA VAL B 50 12.12 -9.86 35.93
C VAL B 50 10.73 -9.80 35.29
N GLU B 51 10.41 -8.63 34.73
CA GLU B 51 9.12 -8.37 34.07
C GLU B 51 9.18 -8.64 32.56
N HIS B 52 8.00 -8.82 31.93
CA HIS B 52 7.86 -8.96 30.49
C HIS B 52 6.61 -8.31 29.98
N SER B 53 6.63 -7.86 28.72
CA SER B 53 5.52 -7.28 28.01
C SER B 53 4.39 -8.33 27.75
N ASP B 54 3.22 -7.91 27.33
CA ASP B 54 2.19 -8.92 27.06
C ASP B 54 2.41 -9.46 25.64
N LEU B 55 2.18 -10.78 25.46
CA LEU B 55 2.39 -11.48 24.20
C LEU B 55 1.66 -10.85 23.03
N SER B 56 2.43 -10.60 21.98
CA SER B 56 1.89 -10.01 20.77
C SER B 56 2.63 -10.61 19.57
N PHE B 57 2.12 -10.38 18.35
CA PHE B 57 2.74 -10.96 17.16
C PHE B 57 2.72 -10.01 15.97
N SER B 58 3.51 -10.35 14.93
CA SER B 58 3.67 -9.57 13.70
C SER B 58 2.81 -10.14 12.56
N LYS B 59 2.86 -9.49 11.37
CA LYS B 59 2.17 -9.84 10.11
C LYS B 59 2.23 -11.34 9.80
N ASP B 60 3.44 -11.92 9.90
CA ASP B 60 3.74 -13.32 9.64
C ASP B 60 3.30 -14.32 10.78
N TRP B 61 2.64 -13.80 11.82
CA TRP B 61 2.15 -14.54 12.99
C TRP B 61 3.25 -14.90 14.01
N SER B 62 4.51 -14.52 13.77
CA SER B 62 5.61 -14.81 14.71
C SER B 62 5.51 -13.85 15.90
N PHE B 63 5.79 -14.33 17.09
CA PHE B 63 5.68 -13.59 18.33
C PHE B 63 6.90 -12.74 18.64
N TYR B 64 6.72 -11.83 19.59
CA TYR B 64 7.73 -10.93 20.13
C TYR B 64 7.37 -10.59 21.57
N LEU B 65 8.39 -10.39 22.43
CA LEU B 65 8.26 -10.07 23.86
C LEU B 65 9.47 -9.25 24.31
N LEU B 66 9.26 -8.37 25.26
CA LEU B 66 10.35 -7.60 25.83
C LEU B 66 10.52 -8.04 27.27
N TYR B 67 11.73 -8.53 27.66
CA TYR B 67 12.01 -8.89 29.04
C TYR B 67 12.88 -7.77 29.59
N TYR B 68 12.63 -7.33 30.82
CA TYR B 68 13.36 -6.21 31.38
C TYR B 68 13.43 -6.24 32.90
N THR B 69 14.40 -5.49 33.45
CA THR B 69 14.60 -5.39 34.90
C THR B 69 15.31 -4.09 35.22
N GLU B 70 15.14 -3.58 36.43
CA GLU B 70 15.91 -2.42 36.84
C GLU B 70 17.27 -2.96 37.23
N PHE B 71 18.30 -2.20 36.96
CA PHE B 71 19.67 -2.60 37.26
C PHE B 71 20.52 -1.35 37.29
N THR B 72 21.69 -1.44 37.96
CA THR B 72 22.63 -0.36 38.03
C THR B 72 23.96 -0.90 37.51
N PRO B 73 24.39 -0.56 36.27
CA PRO B 73 25.68 -1.07 35.78
C PRO B 73 26.91 -0.57 36.55
N THR B 74 27.97 -1.39 36.56
CA THR B 74 29.28 -1.11 37.16
C THR B 74 30.38 -1.52 36.16
N GLU B 75 31.66 -1.28 36.47
CA GLU B 75 32.73 -1.69 35.55
C GLU B 75 33.00 -3.18 35.71
N LYS B 76 32.74 -3.72 36.91
CA LYS B 76 32.89 -5.12 37.27
C LYS B 76 31.77 -5.99 36.68
N ASP B 77 30.52 -5.77 37.15
CA ASP B 77 29.33 -6.55 36.80
C ASP B 77 29.15 -6.78 35.30
N GLU B 78 28.83 -8.03 34.96
CA GLU B 78 28.60 -8.47 33.58
C GLU B 78 27.18 -8.96 33.48
N TYR B 79 26.49 -8.61 32.40
CA TYR B 79 25.09 -8.99 32.22
C TYR B 79 24.89 -9.73 30.90
N ALA B 80 23.83 -10.52 30.82
CA ALA B 80 23.52 -11.31 29.62
C ALA B 80 22.10 -11.80 29.66
N CYS B 81 21.54 -12.20 28.51
CA CYS B 81 20.22 -12.78 28.42
CA CYS B 81 20.23 -12.82 28.53
C CYS B 81 20.32 -14.22 27.88
N ARG B 82 19.64 -15.18 28.52
CA ARG B 82 19.62 -16.60 28.17
C ARG B 82 18.23 -16.98 27.68
N VAL B 83 18.15 -17.43 26.45
CA VAL B 83 16.89 -17.76 25.82
C VAL B 83 16.82 -19.24 25.45
N ASN B 84 15.74 -19.90 25.90
CA ASN B 84 15.47 -21.27 25.49
C ASN B 84 14.14 -21.33 24.73
N HIS B 85 14.19 -21.98 23.57
CA HIS B 85 13.04 -22.17 22.68
C HIS B 85 13.20 -23.52 22.00
N VAL B 86 12.07 -24.16 21.66
CA VAL B 86 11.99 -25.48 21.01
C VAL B 86 12.76 -25.55 19.66
N THR B 87 13.03 -24.40 19.04
CA THR B 87 13.73 -24.31 17.75
C THR B 87 15.23 -24.25 17.98
N LEU B 88 15.64 -24.02 19.22
CA LEU B 88 17.05 -23.93 19.57
C LEU B 88 17.59 -25.30 20.00
N SER B 89 18.77 -25.73 19.48
CA SER B 89 19.35 -27.00 19.94
C SER B 89 19.96 -26.76 21.32
N GLN B 90 20.27 -25.48 21.62
CA GLN B 90 20.82 -25.10 22.89
C GLN B 90 20.39 -23.70 23.34
N PRO B 91 20.23 -23.51 24.67
CA PRO B 91 19.89 -22.18 25.17
C PRO B 91 20.92 -21.13 24.74
N LYS B 92 20.49 -20.14 23.95
N LYS B 92 20.47 -20.13 23.96
CA LYS B 92 21.35 -19.07 23.44
CA LYS B 92 21.29 -19.03 23.45
C LYS B 92 21.58 -18.01 24.51
C LYS B 92 21.58 -18.01 24.55
N ILE B 93 22.85 -17.63 24.70
CA ILE B 93 23.28 -16.62 25.66
C ILE B 93 23.87 -15.45 24.86
N VAL B 94 23.25 -14.27 24.97
CA VAL B 94 23.73 -13.06 24.28
C VAL B 94 24.24 -12.12 25.39
N LYS B 95 25.52 -11.75 25.34
CA LYS B 95 26.13 -10.90 26.37
C LYS B 95 25.76 -9.46 26.19
N TRP B 96 25.65 -8.71 27.29
CA TRP B 96 25.37 -7.29 27.16
C TRP B 96 26.65 -6.51 26.80
N ASP B 97 26.59 -5.76 25.70
CA ASP B 97 27.61 -4.86 25.20
C ASP B 97 27.00 -3.43 25.26
N ARG B 98 27.57 -2.54 26.10
CA ARG B 98 27.01 -1.18 26.29
C ARG B 98 26.94 -0.33 25.01
N ASP B 99 27.77 -0.65 23.99
CA ASP B 99 27.72 0.04 22.71
C ASP B 99 27.22 -0.91 21.60
N MET B 100 26.01 -1.44 21.82
CA MET B 100 25.29 -2.36 20.95
C MET B 100 23.86 -2.57 21.47
N GLY C 25 -7.54 13.29 0.98
CA GLY C 25 -6.90 12.07 0.49
C GLY C 25 -5.46 12.30 0.09
N SER C 26 -4.80 11.26 -0.42
CA SER C 26 -3.40 11.33 -0.85
CA SER C 26 -3.40 11.30 -0.87
C SER C 26 -3.34 11.85 -2.28
N HIS C 27 -2.17 12.28 -2.72
CA HIS C 27 -1.97 12.82 -4.07
C HIS C 27 -0.78 12.18 -4.77
N SER C 28 -0.90 12.06 -6.08
CA SER C 28 0.13 11.52 -6.94
C SER C 28 0.51 12.49 -8.06
N MET C 29 1.70 12.31 -8.60
CA MET C 29 2.20 13.00 -9.77
C MET C 29 2.75 11.90 -10.68
N ARG C 30 2.34 11.91 -11.96
CA ARG C 30 2.77 10.90 -12.91
C ARG C 30 3.13 11.43 -14.25
N TYR C 31 4.27 10.95 -14.78
CA TYR C 31 4.68 11.19 -16.14
C TYR C 31 4.78 9.83 -16.82
N PHE C 32 4.11 9.68 -17.96
CA PHE C 32 4.11 8.49 -18.81
C PHE C 32 4.71 8.89 -20.15
N THR C 33 5.78 8.22 -20.57
CA THR C 33 6.45 8.46 -21.85
C THR C 33 6.43 7.19 -22.67
N THR C 34 6.15 7.34 -23.97
CA THR C 34 6.10 6.20 -24.91
C THR C 34 6.88 6.53 -26.18
N SER C 35 7.79 5.64 -26.57
CA SER C 35 8.55 5.77 -27.83
C SER C 35 8.30 4.54 -28.69
N VAL C 36 7.83 4.74 -29.95
CA VAL C 36 7.58 3.65 -30.90
C VAL C 36 8.44 3.84 -32.15
N SER C 37 9.35 2.88 -32.43
CA SER C 37 10.21 2.92 -33.60
C SER C 37 9.38 2.81 -34.91
N ARG C 38 9.78 3.62 -35.92
CA ARG C 38 9.11 3.73 -37.23
C ARG C 38 10.15 3.48 -38.34
N PRO C 39 10.64 2.21 -38.51
CA PRO C 39 11.68 1.95 -39.51
C PRO C 39 11.36 2.40 -40.93
N GLY C 40 12.30 3.15 -41.49
CA GLY C 40 12.23 3.74 -42.82
C GLY C 40 11.34 4.95 -42.92
N ARG C 41 10.29 5.04 -42.07
CA ARG C 41 9.36 6.17 -42.11
C ARG C 41 9.93 7.40 -41.41
N GLY C 42 10.92 7.19 -40.54
CA GLY C 42 11.60 8.28 -39.86
C GLY C 42 11.82 8.02 -38.39
N GLU C 43 12.17 9.11 -37.66
CA GLU C 43 12.44 9.12 -36.23
C GLU C 43 11.27 8.52 -35.44
N PRO C 44 11.57 7.80 -34.34
CA PRO C 44 10.46 7.17 -33.58
C PRO C 44 9.44 8.18 -33.06
N ARG C 45 8.16 7.70 -32.90
CA ARG C 45 7.08 8.51 -32.37
C ARG C 45 7.19 8.53 -30.83
N PHE C 46 7.22 9.73 -30.26
CA PHE C 46 7.33 9.97 -28.82
C PHE C 46 6.17 10.85 -28.30
N ILE C 47 5.51 10.35 -27.25
CA ILE C 47 4.39 10.97 -26.53
C ILE C 47 4.67 10.88 -25.03
N ALA C 48 4.63 12.02 -24.36
CA ALA C 48 4.78 12.16 -22.91
C ALA C 48 3.57 12.91 -22.38
N VAL C 49 3.04 12.43 -21.23
CA VAL C 49 1.89 13.03 -20.60
C VAL C 49 2.15 13.14 -19.11
N GLY C 50 1.59 14.18 -18.49
CA GLY C 50 1.75 14.45 -17.07
C GLY C 50 0.39 14.52 -16.41
N TYR C 51 0.25 13.80 -15.28
CA TYR C 51 -0.98 13.75 -14.48
C TYR C 51 -0.76 14.20 -13.07
N VAL C 52 -1.71 14.92 -12.52
CA VAL C 52 -1.77 15.23 -11.09
C VAL C 52 -3.05 14.53 -10.73
N ASP C 53 -2.98 13.48 -9.87
CA ASP C 53 -4.10 12.61 -9.53
C ASP C 53 -4.75 12.12 -10.86
N ASP C 54 -6.04 12.39 -11.10
CA ASP C 54 -6.70 11.92 -12.32
C ASP C 54 -6.84 13.01 -13.40
N THR C 55 -6.08 14.10 -13.23
CA THR C 55 -6.07 15.27 -14.11
C THR C 55 -4.80 15.35 -14.95
N GLN C 56 -4.92 15.22 -16.30
CA GLN C 56 -3.80 15.44 -17.20
C GLN C 56 -3.51 16.97 -17.20
N PHE C 57 -2.25 17.38 -17.04
CA PHE C 57 -1.95 18.82 -16.99
C PHE C 57 -0.93 19.27 -18.04
N VAL C 58 -0.17 18.32 -18.66
CA VAL C 58 0.83 18.55 -19.72
C VAL C 58 0.86 17.43 -20.76
N ARG C 59 1.40 17.74 -21.91
CA ARG C 59 1.60 16.79 -22.99
C ARG C 59 2.81 17.22 -23.81
N PHE C 60 3.44 16.23 -24.47
CA PHE C 60 4.43 16.45 -25.50
C PHE C 60 4.21 15.43 -26.59
N ASP C 61 4.10 15.87 -27.84
CA ASP C 61 4.01 14.93 -28.96
C ASP C 61 5.04 15.32 -30.01
N SER C 62 5.88 14.35 -30.41
CA SER C 62 6.93 14.51 -31.44
C SER C 62 6.30 14.89 -32.79
N ASP C 63 5.07 14.42 -33.08
CA ASP C 63 4.34 14.77 -34.31
C ASP C 63 3.72 16.18 -34.32
N ALA C 64 3.53 16.80 -33.13
CA ALA C 64 2.94 18.14 -33.01
C ALA C 64 3.87 19.22 -33.57
N ALA C 65 3.26 20.27 -34.12
CA ALA C 65 3.94 21.40 -34.76
C ALA C 65 4.92 22.13 -33.84
N SER C 66 4.46 22.47 -32.61
CA SER C 66 5.18 23.25 -31.60
C SER C 66 6.55 22.76 -31.24
N GLN C 67 6.69 21.45 -30.98
CA GLN C 67 7.92 20.81 -30.50
C GLN C 67 8.21 21.34 -29.06
N ARG C 68 7.13 21.68 -28.33
CA ARG C 68 7.17 22.21 -26.96
C ARG C 68 6.30 21.37 -26.01
N MET C 69 6.58 21.47 -24.68
CA MET C 69 5.72 20.93 -23.64
C MET C 69 4.55 21.93 -23.67
N GLU C 70 3.32 21.43 -23.87
CA GLU C 70 2.09 22.24 -23.98
C GLU C 70 1.18 22.06 -22.74
N PRO C 71 0.51 23.13 -22.22
CA PRO C 71 -0.41 22.93 -21.06
C PRO C 71 -1.71 22.22 -21.44
N ARG C 72 -2.26 21.41 -20.54
CA ARG C 72 -3.53 20.73 -20.81
C ARG C 72 -4.58 20.93 -19.68
N ALA C 73 -4.24 21.76 -18.67
CA ALA C 73 -5.06 22.18 -17.52
C ALA C 73 -4.81 23.70 -17.31
N PRO C 74 -5.85 24.53 -17.00
CA PRO C 74 -5.64 25.99 -16.91
C PRO C 74 -4.71 26.46 -15.80
N TRP C 75 -4.72 25.80 -14.64
CA TRP C 75 -3.88 26.17 -13.51
C TRP C 75 -2.35 26.08 -13.76
N ILE C 76 -1.89 25.31 -14.78
CA ILE C 76 -0.44 25.19 -15.05
C ILE C 76 0.07 26.37 -15.93
N GLU C 77 -0.86 27.12 -16.54
CA GLU C 77 -0.54 28.26 -17.39
C GLU C 77 0.09 29.43 -16.60
N GLN C 78 -0.02 29.43 -15.26
CA GLN C 78 0.63 30.44 -14.43
C GLN C 78 2.14 30.23 -14.29
N GLU C 79 2.70 29.18 -14.93
CA GLU C 79 4.15 28.91 -14.91
C GLU C 79 4.85 29.77 -15.95
N GLY C 80 5.94 30.40 -15.53
CA GLY C 80 6.72 31.33 -16.35
C GLY C 80 7.47 30.71 -17.50
N PRO C 81 8.03 31.55 -18.42
CA PRO C 81 8.79 31.04 -19.58
C PRO C 81 9.93 30.06 -19.27
N GLU C 82 10.64 30.26 -18.14
CA GLU C 82 11.74 29.41 -17.70
C GLU C 82 11.28 27.95 -17.42
N TYR C 83 10.10 27.79 -16.78
CA TYR C 83 9.53 26.49 -16.48
C TYR C 83 9.25 25.76 -17.80
N TRP C 84 8.59 26.42 -18.76
CA TRP C 84 8.24 25.80 -20.03
C TRP C 84 9.41 25.41 -20.91
N ASP C 85 10.49 26.24 -20.94
CA ASP C 85 11.73 25.96 -21.69
C ASP C 85 12.41 24.75 -21.08
N LEU C 86 12.50 24.70 -19.72
CA LEU C 86 13.11 23.61 -18.97
C LEU C 86 12.35 22.28 -19.12
N GLN C 87 11.02 22.31 -19.09
CA GLN C 87 10.17 21.16 -19.31
C GLN C 87 10.30 20.64 -20.73
N THR C 88 10.42 21.54 -21.73
CA THR C 88 10.57 21.20 -23.15
C THR C 88 11.93 20.48 -23.37
N ARG C 89 13.01 21.04 -22.78
CA ARG C 89 14.38 20.50 -22.84
C ARG C 89 14.45 19.09 -22.26
N ASN C 90 13.94 18.89 -21.03
CA ASN C 90 13.95 17.59 -20.33
C ASN C 90 13.17 16.49 -21.04
N VAL C 91 12.03 16.83 -21.65
CA VAL C 91 11.25 15.80 -22.31
C VAL C 91 11.79 15.50 -23.73
N LYS C 92 12.42 16.51 -24.40
CA LYS C 92 13.04 16.31 -25.71
C LYS C 92 14.26 15.41 -25.53
N ALA C 93 15.00 15.62 -24.41
CA ALA C 93 16.19 14.85 -24.04
C ALA C 93 15.80 13.38 -23.85
N GLN C 94 14.66 13.14 -23.14
CA GLN C 94 14.10 11.81 -22.92
C GLN C 94 13.76 11.16 -24.26
N SER C 95 13.16 11.94 -25.22
CA SER C 95 12.80 11.40 -26.54
C SER C 95 14.05 11.00 -27.32
N GLN C 96 15.13 11.79 -27.19
CA GLN C 96 16.38 11.50 -27.89
C GLN C 96 17.13 10.31 -27.25
N THR C 97 17.09 10.17 -25.90
CA THR C 97 17.71 8.99 -25.22
C THR C 97 16.97 7.71 -25.63
N ASP C 98 15.64 7.79 -25.77
CA ASP C 98 14.83 6.68 -26.27
C ASP C 98 15.21 6.22 -27.68
N ARG C 99 15.63 7.14 -28.56
CA ARG C 99 16.07 6.82 -29.93
C ARG C 99 17.27 5.92 -29.88
N ALA C 100 18.25 6.27 -29.03
CA ALA C 100 19.45 5.48 -28.77
C ALA C 100 19.11 4.12 -28.16
N ASN C 101 18.24 4.12 -27.15
CA ASN C 101 17.84 2.96 -26.39
C ASN C 101 17.07 1.96 -27.21
N LEU C 102 16.24 2.42 -28.16
CA LEU C 102 15.56 1.51 -29.09
C LEU C 102 16.62 0.69 -29.90
N GLY C 103 17.70 1.35 -30.35
CA GLY C 103 18.82 0.73 -31.05
C GLY C 103 19.60 -0.26 -30.20
N THR C 104 19.94 0.14 -28.95
CA THR C 104 20.64 -0.67 -27.97
C THR C 104 19.89 -1.97 -27.62
N LEU C 105 18.57 -1.87 -27.39
CA LEU C 105 17.69 -2.99 -27.01
C LEU C 105 17.50 -4.02 -28.10
N ARG C 106 17.51 -3.56 -29.36
CA ARG C 106 17.41 -4.38 -30.57
C ARG C 106 18.71 -5.25 -30.62
N GLY C 107 19.83 -4.65 -30.25
CA GLY C 107 21.11 -5.33 -30.17
C GLY C 107 21.14 -6.36 -29.07
N TYR C 108 20.78 -5.96 -27.81
CA TYR C 108 20.79 -6.84 -26.63
C TYR C 108 19.93 -8.10 -26.83
N TYR C 109 18.81 -7.97 -27.55
CA TYR C 109 17.81 -9.01 -27.78
C TYR C 109 17.93 -9.72 -29.13
N ASN C 110 18.92 -9.29 -29.97
CA ASN C 110 19.18 -9.83 -31.31
CA ASN C 110 19.18 -9.82 -31.32
C ASN C 110 17.93 -9.74 -32.21
N GLN C 111 17.44 -8.51 -32.40
CA GLN C 111 16.26 -8.21 -33.22
C GLN C 111 16.65 -7.45 -34.50
N SER C 112 15.85 -7.60 -35.57
CA SER C 112 16.03 -6.98 -36.89
C SER C 112 15.59 -5.51 -36.93
N GLU C 113 16.33 -4.65 -37.69
CA GLU C 113 16.04 -3.22 -37.89
C GLU C 113 14.67 -2.96 -38.55
N ALA C 114 14.08 -3.99 -39.17
CA ALA C 114 12.81 -3.96 -39.89
C ALA C 114 11.56 -3.81 -39.00
N GLY C 115 11.60 -4.38 -37.79
CA GLY C 115 10.48 -4.39 -36.86
C GLY C 115 10.26 -3.15 -36.01
N SER C 116 8.99 -2.95 -35.62
CA SER C 116 8.63 -1.81 -34.77
C SER C 116 8.64 -2.25 -33.30
N HIS C 117 9.37 -1.52 -32.44
CA HIS C 117 9.46 -1.79 -31.00
C HIS C 117 9.07 -0.59 -30.16
N THR C 118 8.73 -0.83 -28.87
CA THR C 118 8.26 0.23 -27.96
C THR C 118 8.99 0.29 -26.66
N ILE C 119 9.36 1.51 -26.22
CA ILE C 119 9.91 1.73 -24.88
C ILE C 119 8.87 2.55 -24.13
N GLN C 120 8.54 2.15 -22.91
CA GLN C 120 7.59 2.88 -22.06
C GLN C 120 8.28 3.15 -20.75
N MET C 121 8.07 4.34 -20.23
CA MET C 121 8.75 4.72 -19.00
C MET C 121 7.73 5.44 -18.12
N MET C 122 7.79 5.20 -16.80
CA MET C 122 6.92 5.82 -15.83
C MET C 122 7.79 6.45 -14.74
N TYR C 123 7.54 7.75 -14.49
CA TYR C 123 8.20 8.50 -13.44
C TYR C 123 7.14 9.17 -12.59
N GLY C 124 7.32 9.20 -11.27
CA GLY C 124 6.41 9.93 -10.40
C GLY C 124 6.58 9.76 -8.90
N CYS C 125 5.74 10.44 -8.13
CA CYS C 125 5.73 10.37 -6.67
C CYS C 125 4.32 10.46 -6.09
N ASP C 126 4.20 10.10 -4.80
CA ASP C 126 2.97 10.14 -4.02
C ASP C 126 3.22 10.89 -2.73
N VAL C 127 2.32 11.85 -2.42
CA VAL C 127 2.34 12.60 -1.18
C VAL C 127 1.05 12.32 -0.43
N GLY C 128 1.13 12.45 0.89
CA GLY C 128 -0.03 12.27 1.75
C GLY C 128 -0.83 13.54 1.85
N SER C 129 -2.03 13.45 2.46
CA SER C 129 -2.95 14.56 2.76
C SER C 129 -2.25 15.81 3.35
N ASP C 130 -1.30 15.58 4.28
CA ASP C 130 -0.53 16.62 4.96
C ASP C 130 0.62 17.15 4.11
N GLY C 131 0.93 16.46 3.01
CA GLY C 131 1.99 16.80 2.06
C GLY C 131 3.32 16.07 2.21
N ARG C 132 3.42 15.12 3.17
CA ARG C 132 4.66 14.36 3.38
C ARG C 132 4.97 13.38 2.20
N PHE C 133 6.25 13.00 2.03
CA PHE C 133 6.62 12.06 0.96
C PHE C 133 6.12 10.64 1.32
N LEU C 134 5.45 9.94 0.38
CA LEU C 134 4.98 8.57 0.65
C LEU C 134 5.77 7.55 -0.16
N ARG C 135 5.79 7.73 -1.49
CA ARG C 135 6.43 6.81 -2.42
C ARG C 135 7.04 7.52 -3.63
N GLY C 136 8.03 6.88 -4.24
CA GLY C 136 8.75 7.33 -5.43
C GLY C 136 8.73 6.24 -6.47
N TYR C 137 8.68 6.59 -7.76
CA TYR C 137 8.62 5.60 -8.84
C TYR C 137 9.49 5.98 -10.03
N ARG C 138 10.17 4.99 -10.63
CA ARG C 138 10.89 5.09 -11.90
C ARG C 138 10.94 3.70 -12.49
N GLN C 139 10.09 3.42 -13.49
CA GLN C 139 10.01 2.07 -14.08
C GLN C 139 10.00 2.13 -15.61
N ASP C 140 10.71 1.22 -16.24
CA ASP C 140 10.79 1.17 -17.72
C ASP C 140 10.34 -0.22 -18.25
N ALA C 141 9.82 -0.26 -19.48
CA ALA C 141 9.36 -1.47 -20.14
C ALA C 141 9.79 -1.51 -21.60
N TYR C 142 10.04 -2.71 -22.14
CA TYR C 142 10.34 -2.89 -23.56
C TYR C 142 9.25 -3.82 -24.14
N ASP C 143 8.55 -3.37 -25.20
CA ASP C 143 7.52 -4.21 -25.83
C ASP C 143 6.41 -4.72 -24.86
N GLY C 144 6.01 -3.87 -23.92
CA GLY C 144 4.95 -4.17 -22.98
C GLY C 144 5.27 -5.04 -21.80
N LYS C 145 6.54 -5.31 -21.56
CA LYS C 145 6.92 -6.13 -20.41
C LYS C 145 8.01 -5.43 -19.67
N ASP C 146 7.95 -5.47 -18.33
CA ASP C 146 8.94 -4.90 -17.41
C ASP C 146 10.34 -5.11 -17.89
N TYR C 147 11.17 -4.06 -17.80
CA TYR C 147 12.59 -4.15 -18.15
C TYR C 147 13.44 -3.91 -16.90
N ILE C 148 13.36 -2.72 -16.33
CA ILE C 148 14.08 -2.39 -15.12
C ILE C 148 13.22 -1.42 -14.33
N ALA C 149 13.26 -1.54 -12.99
CA ALA C 149 12.46 -0.72 -12.11
C ALA C 149 13.28 -0.38 -10.91
N LEU C 150 13.17 0.87 -10.45
CA LEU C 150 13.82 1.25 -9.21
C LEU C 150 12.96 0.66 -8.07
N ASN C 151 13.59 -0.01 -7.08
CA ASN C 151 12.86 -0.58 -5.95
C ASN C 151 12.34 0.52 -4.97
N GLU C 152 11.37 0.16 -4.13
CA GLU C 152 10.71 1.05 -3.18
C GLU C 152 11.68 1.81 -2.28
N ASP C 153 12.80 1.19 -1.93
CA ASP C 153 13.81 1.78 -1.05
C ASP C 153 14.56 2.90 -1.75
N LEU C 154 14.40 3.03 -3.09
CA LEU C 154 15.04 4.03 -3.97
C LEU C 154 16.59 3.97 -3.87
N ARG C 155 17.16 2.74 -3.73
CA ARG C 155 18.58 2.43 -3.54
C ARG C 155 19.05 1.24 -4.37
N SER C 156 18.13 0.37 -4.76
CA SER C 156 18.40 -0.83 -5.56
C SER C 156 17.46 -0.92 -6.77
N TRP C 157 17.78 -1.80 -7.71
CA TRP C 157 17.02 -2.02 -8.95
C TRP C 157 16.44 -3.46 -9.02
N THR C 158 15.50 -3.68 -9.94
CA THR C 158 14.97 -4.98 -10.27
C THR C 158 15.02 -5.11 -11.79
N ALA C 159 16.01 -5.83 -12.31
CA ALA C 159 16.14 -6.10 -13.74
C ALA C 159 15.27 -7.30 -14.05
N ALA C 160 14.48 -7.25 -15.14
CA ALA C 160 13.58 -8.36 -15.50
C ALA C 160 14.29 -9.59 -16.09
N ASP C 161 15.49 -9.41 -16.65
CA ASP C 161 16.28 -10.49 -17.27
C ASP C 161 17.77 -10.16 -17.34
N MET C 162 18.56 -10.98 -18.06
CA MET C 162 20.01 -10.80 -18.16
C MET C 162 20.35 -9.62 -19.09
N ALA C 163 19.46 -9.30 -20.07
CA ALA C 163 19.66 -8.12 -20.93
C ALA C 163 19.55 -6.87 -20.07
N ALA C 164 18.57 -6.83 -19.15
CA ALA C 164 18.32 -5.74 -18.20
C ALA C 164 19.40 -5.60 -17.14
N GLN C 165 20.15 -6.68 -16.87
N GLN C 165 20.14 -6.69 -16.86
CA GLN C 165 21.27 -6.73 -15.91
CA GLN C 165 21.25 -6.73 -15.90
C GLN C 165 22.44 -5.89 -16.39
C GLN C 165 22.45 -5.92 -16.38
N ILE C 166 22.59 -5.74 -17.72
CA ILE C 166 23.67 -4.94 -18.33
C ILE C 166 23.38 -3.49 -17.92
N THR C 167 22.13 -3.06 -18.16
CA THR C 167 21.64 -1.74 -17.78
C THR C 167 21.86 -1.51 -16.29
N GLN C 168 21.49 -2.49 -15.44
CA GLN C 168 21.59 -2.38 -13.98
C GLN C 168 23.00 -2.10 -13.51
N ARG C 169 24.00 -2.81 -14.05
CA ARG C 169 25.40 -2.67 -13.71
C ARG C 169 25.90 -1.26 -14.08
N LYS C 170 25.40 -0.69 -15.23
CA LYS C 170 25.68 0.65 -15.73
C LYS C 170 25.14 1.70 -14.76
N TRP C 171 23.88 1.52 -14.35
CA TRP C 171 23.15 2.42 -13.45
C TRP C 171 23.68 2.33 -12.05
N GLU C 172 24.21 1.20 -11.64
CA GLU C 172 24.89 1.04 -10.34
C GLU C 172 26.24 1.77 -10.37
N ALA C 173 27.02 1.57 -11.44
CA ALA C 173 28.30 2.25 -11.67
C ALA C 173 28.13 3.80 -11.79
N ALA C 174 27.11 4.28 -12.54
CA ALA C 174 26.85 5.70 -12.73
C ALA C 174 26.08 6.37 -11.58
N ARG C 175 25.69 5.60 -10.54
CA ARG C 175 24.98 6.06 -9.33
C ARG C 175 23.64 6.77 -9.68
N VAL C 176 22.90 6.22 -10.67
CA VAL C 176 21.61 6.74 -11.13
C VAL C 176 20.54 6.78 -10.01
N ALA C 177 20.48 5.74 -9.15
CA ALA C 177 19.51 5.66 -8.04
C ALA C 177 19.69 6.83 -6.99
N GLU C 178 20.96 7.30 -6.77
CA GLU C 178 21.17 8.42 -5.83
C GLU C 178 20.53 9.64 -6.43
N GLN C 179 20.68 9.81 -7.75
CA GLN C 179 20.14 10.94 -8.49
C GLN C 179 18.62 10.93 -8.56
N LEU C 180 18.02 9.75 -8.80
CA LEU C 180 16.57 9.64 -8.83
C LEU C 180 15.95 9.88 -7.47
N ARG C 181 16.59 9.39 -6.39
CA ARG C 181 16.14 9.57 -5.00
C ARG C 181 16.13 11.05 -4.59
N ALA C 182 17.17 11.82 -4.96
CA ALA C 182 17.22 13.26 -4.69
C ALA C 182 16.01 14.01 -5.37
N TYR C 183 15.66 13.65 -6.63
CA TYR C 183 14.54 14.21 -7.38
C TYR C 183 13.24 13.83 -6.71
N LEU C 184 13.04 12.53 -6.49
CA LEU C 184 11.83 11.95 -5.92
C LEU C 184 11.49 12.42 -4.51
N GLU C 185 12.49 12.52 -3.65
CA GLU C 185 12.28 12.98 -2.28
C GLU C 185 12.38 14.51 -2.16
N GLY C 186 12.96 15.16 -3.17
CA GLY C 186 13.14 16.61 -3.18
C GLY C 186 12.18 17.35 -4.09
N THR C 187 12.60 17.57 -5.33
CA THR C 187 11.86 18.31 -6.35
C THR C 187 10.45 17.77 -6.65
N CYS C 188 10.28 16.45 -6.77
CA CYS C 188 8.98 15.84 -7.08
C CYS C 188 7.87 16.25 -6.09
N VAL C 189 8.14 16.09 -4.78
CA VAL C 189 7.20 16.41 -3.70
C VAL C 189 6.92 17.93 -3.64
N GLU C 190 7.97 18.76 -3.76
CA GLU C 190 7.87 20.24 -3.74
C GLU C 190 7.01 20.79 -4.87
N TRP C 191 7.19 20.26 -6.11
CA TRP C 191 6.43 20.68 -7.27
C TRP C 191 4.96 20.16 -7.20
N LEU C 192 4.74 18.92 -6.70
CA LEU C 192 3.40 18.37 -6.52
C LEU C 192 2.60 19.26 -5.55
N ARG C 193 3.18 19.63 -4.38
CA ARG C 193 2.50 20.54 -3.41
C ARG C 193 2.21 21.90 -4.05
N ARG C 194 3.15 22.42 -4.87
CA ARG C 194 2.99 23.69 -5.56
C ARG C 194 1.80 23.60 -6.50
N TYR C 195 1.72 22.49 -7.27
CA TYR C 195 0.60 22.25 -8.20
C TYR C 195 -0.70 22.19 -7.45
N LEU C 196 -0.67 21.56 -6.25
CA LEU C 196 -1.85 21.39 -5.42
C LEU C 196 -2.34 22.73 -4.88
N GLU C 197 -1.42 23.65 -4.51
CA GLU C 197 -1.76 24.99 -4.04
C GLU C 197 -2.24 25.88 -5.19
N ASN C 198 -1.60 25.82 -6.37
CA ASN C 198 -2.02 26.64 -7.52
C ASN C 198 -3.28 26.12 -8.22
N GLY C 199 -3.43 24.80 -8.30
CA GLY C 199 -4.61 24.16 -8.89
C GLY C 199 -5.67 23.83 -7.86
N LYS C 200 -5.54 24.40 -6.63
CA LYS C 200 -6.41 24.27 -5.45
C LYS C 200 -7.92 24.08 -5.74
N GLU C 201 -8.53 25.04 -6.45
CA GLU C 201 -9.96 25.09 -6.80
C GLU C 201 -10.49 23.90 -7.60
N THR C 202 -9.61 23.09 -8.22
CA THR C 202 -10.03 21.92 -9.02
C THR C 202 -9.36 20.62 -8.56
N LEU C 203 -8.07 20.67 -8.20
CA LEU C 203 -7.31 19.52 -7.73
C LEU C 203 -7.77 19.06 -6.34
N GLN C 204 -7.96 20.01 -5.40
CA GLN C 204 -8.38 19.72 -4.03
C GLN C 204 -9.92 19.73 -3.88
N ARG C 205 -10.67 19.87 -4.99
CA ARG C 205 -12.14 19.86 -4.96
C ARG C 205 -12.69 18.54 -5.48
N THR C 206 -13.52 17.85 -4.68
CA THR C 206 -14.17 16.58 -5.07
C THR C 206 -15.57 16.90 -5.61
N ASP C 207 -16.00 16.16 -6.64
CA ASP C 207 -17.33 16.27 -7.22
C ASP C 207 -18.01 14.95 -6.97
N ALA C 208 -19.06 14.97 -6.15
CA ALA C 208 -19.80 13.76 -5.81
C ALA C 208 -20.50 13.21 -7.05
N PRO C 209 -20.69 11.88 -7.13
CA PRO C 209 -21.42 11.34 -8.29
C PRO C 209 -22.90 11.76 -8.33
N LYS C 210 -23.40 12.02 -9.56
CA LYS C 210 -24.80 12.32 -9.89
C LYS C 210 -25.37 10.93 -10.19
N THR C 211 -26.08 10.37 -9.22
CA THR C 211 -26.60 8.99 -9.28
C THR C 211 -28.06 8.89 -9.63
N HIS C 212 -28.40 7.84 -10.38
CA HIS C 212 -29.79 7.54 -10.75
C HIS C 212 -29.91 6.06 -11.13
N MET C 213 -31.14 5.51 -11.04
CA MET C 213 -31.41 4.10 -11.36
C MET C 213 -32.35 3.98 -12.57
N THR C 214 -32.11 2.97 -13.43
CA THR C 214 -32.93 2.69 -14.61
C THR C 214 -33.46 1.26 -14.54
N HIS C 215 -34.63 1.03 -15.14
CA HIS C 215 -35.31 -0.26 -15.14
C HIS C 215 -35.69 -0.66 -16.56
N HIS C 216 -35.38 -1.91 -16.93
CA HIS C 216 -35.65 -2.44 -18.26
C HIS C 216 -36.11 -3.88 -18.14
N ALA C 217 -37.28 -4.21 -18.72
CA ALA C 217 -37.79 -5.57 -18.70
C ALA C 217 -37.01 -6.41 -19.73
N VAL C 218 -36.42 -7.50 -19.26
CA VAL C 218 -35.59 -8.42 -20.05
C VAL C 218 -36.32 -9.77 -20.29
N SER C 219 -37.37 -10.02 -19.49
CA SER C 219 -38.18 -11.23 -19.55
C SER C 219 -39.57 -10.93 -19.00
N ASP C 220 -40.49 -11.91 -19.13
CA ASP C 220 -41.84 -11.79 -18.60
C ASP C 220 -41.74 -11.92 -17.08
N HIS C 221 -40.76 -12.70 -16.60
CA HIS C 221 -40.47 -12.98 -15.19
C HIS C 221 -39.20 -12.29 -14.61
N GLU C 222 -38.35 -11.66 -15.47
CA GLU C 222 -37.12 -11.01 -15.03
CA GLU C 222 -37.11 -11.01 -15.03
C GLU C 222 -36.91 -9.60 -15.59
N ALA C 223 -36.24 -8.74 -14.81
CA ALA C 223 -35.94 -7.34 -15.15
C ALA C 223 -34.49 -6.97 -14.77
N THR C 224 -33.99 -5.86 -15.33
CA THR C 224 -32.64 -5.34 -15.10
C THR C 224 -32.72 -4.00 -14.39
N LEU C 225 -31.90 -3.85 -13.34
CA LEU C 225 -31.78 -2.59 -12.60
C LEU C 225 -30.38 -2.08 -12.87
N ARG C 226 -30.27 -0.86 -13.38
CA ARG C 226 -28.94 -0.32 -13.64
C ARG C 226 -28.77 0.90 -12.81
N CYS C 227 -27.75 0.87 -11.95
CA CYS C 227 -27.43 2.01 -11.13
C CYS C 227 -26.30 2.78 -11.80
N TRP C 228 -26.41 4.11 -11.86
CA TRP C 228 -25.47 4.99 -12.54
C TRP C 228 -24.81 5.96 -11.61
N ALA C 229 -23.51 6.18 -11.81
CA ALA C 229 -22.74 7.19 -11.09
C ALA C 229 -22.07 8.04 -12.19
N LEU C 230 -22.38 9.34 -12.25
CA LEU C 230 -21.82 10.22 -13.29
C LEU C 230 -21.25 11.48 -12.71
N SER C 231 -20.47 12.20 -13.55
CA SER C 231 -19.88 13.51 -13.27
C SER C 231 -19.08 13.56 -11.95
N PHE C 232 -18.32 12.47 -11.64
CA PHE C 232 -17.58 12.46 -10.38
C PHE C 232 -16.08 12.60 -10.53
N TYR C 233 -15.46 13.13 -9.49
CA TYR C 233 -14.02 13.32 -9.49
C TYR C 233 -13.52 13.24 -8.05
N PRO C 234 -12.44 12.49 -7.76
CA PRO C 234 -11.61 11.66 -8.67
C PRO C 234 -12.28 10.34 -9.11
N ALA C 235 -11.59 9.59 -10.00
CA ALA C 235 -12.05 8.34 -10.61
C ALA C 235 -12.38 7.18 -9.64
N GLU C 236 -11.77 7.18 -8.43
CA GLU C 236 -11.96 6.11 -7.48
C GLU C 236 -13.37 6.13 -6.91
N ILE C 237 -14.12 5.03 -7.18
CA ILE C 237 -15.52 4.82 -6.79
C ILE C 237 -15.77 3.31 -6.56
N THR C 238 -16.79 2.99 -5.72
CA THR C 238 -17.27 1.62 -5.46
C THR C 238 -18.78 1.55 -5.65
N LEU C 239 -19.24 0.57 -6.46
CA LEU C 239 -20.65 0.33 -6.74
C LEU C 239 -20.96 -1.13 -6.39
N THR C 240 -21.81 -1.38 -5.40
CA THR C 240 -22.12 -2.76 -5.00
C THR C 240 -23.63 -2.98 -4.79
N TRP C 241 -24.09 -4.21 -5.02
CA TRP C 241 -25.49 -4.59 -4.85
C TRP C 241 -25.73 -5.34 -3.55
N GLN C 242 -26.93 -5.17 -3.03
CA GLN C 242 -27.42 -5.81 -1.83
C GLN C 242 -28.87 -6.13 -2.01
N ARG C 243 -29.26 -7.34 -1.56
CA ARG C 243 -30.64 -7.81 -1.63
C ARG C 243 -31.03 -8.05 -0.15
N ASP C 244 -32.04 -7.31 0.35
CA ASP C 244 -32.52 -7.35 1.74
C ASP C 244 -31.36 -7.13 2.74
N GLY C 245 -30.50 -6.15 2.41
CA GLY C 245 -29.34 -5.76 3.19
C GLY C 245 -28.18 -6.72 3.17
N GLU C 246 -28.16 -7.68 2.22
CA GLU C 246 -27.11 -8.70 2.11
C GLU C 246 -26.37 -8.64 0.77
N ASP C 247 -25.00 -8.75 0.79
CA ASP C 247 -24.16 -8.72 -0.42
C ASP C 247 -24.69 -9.59 -1.57
N GLN C 248 -24.55 -9.10 -2.78
CA GLN C 248 -25.09 -9.79 -3.94
C GLN C 248 -24.06 -9.68 -5.08
N THR C 249 -23.50 -10.83 -5.53
CA THR C 249 -22.50 -10.84 -6.63
C THR C 249 -22.98 -11.64 -7.85
N GLN C 250 -24.08 -12.39 -7.72
CA GLN C 250 -24.63 -13.19 -8.79
C GLN C 250 -25.62 -12.35 -9.60
N ASP C 251 -25.70 -12.65 -10.91
CA ASP C 251 -26.58 -12.00 -11.88
C ASP C 251 -26.33 -10.47 -11.95
N THR C 252 -25.07 -10.07 -11.71
CA THR C 252 -24.58 -8.69 -11.73
C THR C 252 -23.48 -8.46 -12.79
N GLU C 253 -23.36 -7.21 -13.24
CA GLU C 253 -22.31 -6.75 -14.15
C GLU C 253 -21.98 -5.31 -13.86
N LEU C 254 -20.74 -4.94 -14.03
CA LEU C 254 -20.30 -3.58 -13.81
C LEU C 254 -19.23 -3.25 -14.81
N VAL C 255 -19.28 -2.04 -15.35
CA VAL C 255 -18.27 -1.62 -16.32
C VAL C 255 -17.09 -0.95 -15.60
N GLU C 256 -15.95 -0.90 -16.25
CA GLU C 256 -14.78 -0.19 -15.77
C GLU C 256 -15.09 1.32 -15.81
N THR C 257 -14.56 2.06 -14.80
CA THR C 257 -14.68 3.51 -14.70
C THR C 257 -14.15 4.13 -16.01
N ARG C 258 -14.92 5.02 -16.62
CA ARG C 258 -14.53 5.61 -17.92
C ARG C 258 -14.55 7.15 -17.89
N PRO C 259 -13.73 7.86 -18.72
CA PRO C 259 -13.78 9.34 -18.67
C PRO C 259 -15.01 9.93 -19.36
N ALA C 260 -15.61 10.96 -18.74
CA ALA C 260 -16.75 11.65 -19.39
C ALA C 260 -16.27 12.46 -20.62
N GLY C 261 -15.05 13.00 -20.55
CA GLY C 261 -14.42 13.80 -21.59
C GLY C 261 -14.17 15.24 -21.16
N ASP C 262 -14.67 15.61 -19.96
CA ASP C 262 -14.55 16.95 -19.38
C ASP C 262 -13.76 16.99 -18.06
N GLY C 263 -13.07 15.90 -17.73
CA GLY C 263 -12.34 15.78 -16.47
C GLY C 263 -13.04 14.91 -15.44
N THR C 264 -14.33 14.60 -15.65
CA THR C 264 -15.10 13.79 -14.72
C THR C 264 -15.17 12.36 -15.23
N PHE C 265 -15.71 11.46 -14.39
CA PHE C 265 -15.75 10.04 -14.70
C PHE C 265 -17.14 9.48 -14.59
N GLN C 266 -17.34 8.26 -15.11
CA GLN C 266 -18.64 7.62 -15.07
C GLN C 266 -18.48 6.16 -14.73
N LYS C 267 -19.55 5.55 -14.20
CA LYS C 267 -19.56 4.13 -13.88
C LYS C 267 -21.02 3.69 -13.69
N TRP C 268 -21.31 2.45 -14.09
CA TRP C 268 -22.59 1.83 -13.87
C TRP C 268 -22.41 0.39 -13.44
N ALA C 269 -23.37 -0.10 -12.65
CA ALA C 269 -23.43 -1.47 -12.17
C ALA C 269 -24.87 -1.93 -12.34
N SER C 270 -25.04 -3.19 -12.68
CA SER C 270 -26.38 -3.71 -12.89
C SER C 270 -26.60 -5.04 -12.22
N VAL C 271 -27.89 -5.36 -11.97
CA VAL C 271 -28.36 -6.62 -11.42
C VAL C 271 -29.64 -7.08 -12.17
N VAL C 272 -29.72 -8.40 -12.44
CA VAL C 272 -30.87 -9.06 -13.06
C VAL C 272 -31.69 -9.64 -11.90
N VAL C 273 -32.90 -9.09 -11.69
CA VAL C 273 -33.81 -9.46 -10.59
C VAL C 273 -35.12 -10.12 -11.06
N PRO C 274 -35.79 -10.96 -10.20
CA PRO C 274 -37.12 -11.49 -10.57
C PRO C 274 -38.11 -10.33 -10.58
N SER C 275 -39.00 -10.27 -11.58
CA SER C 275 -39.95 -9.17 -11.69
C SER C 275 -40.91 -9.11 -10.49
N GLY C 276 -41.16 -7.89 -9.98
CA GLY C 276 -41.98 -7.67 -8.79
C GLY C 276 -41.20 -7.59 -7.50
N GLN C 277 -39.88 -7.93 -7.53
CA GLN C 277 -38.97 -7.94 -6.38
C GLN C 277 -37.92 -6.78 -6.38
N GLU C 278 -38.08 -5.81 -7.31
CA GLU C 278 -37.20 -4.65 -7.54
C GLU C 278 -36.76 -3.93 -6.26
N GLN C 279 -37.72 -3.63 -5.39
CA GLN C 279 -37.59 -2.88 -4.13
C GLN C 279 -36.80 -3.60 -3.02
N ARG C 280 -36.46 -4.91 -3.20
CA ARG C 280 -35.65 -5.68 -2.24
C ARG C 280 -34.15 -5.34 -2.49
N TYR C 281 -33.81 -4.90 -3.70
CA TYR C 281 -32.45 -4.63 -4.15
C TYR C 281 -32.03 -3.20 -3.93
N THR C 282 -30.79 -3.03 -3.52
CA THR C 282 -30.28 -1.73 -3.21
C THR C 282 -28.83 -1.56 -3.75
N CYS C 283 -28.51 -0.39 -4.34
CA CYS C 283 -27.17 -0.11 -4.83
CA CYS C 283 -27.14 -0.16 -4.77
C CYS C 283 -26.46 0.87 -3.91
N HIS C 284 -25.24 0.55 -3.53
CA HIS C 284 -24.46 1.41 -2.65
C HIS C 284 -23.35 2.03 -3.41
N VAL C 285 -23.19 3.34 -3.21
CA VAL C 285 -22.20 4.17 -3.86
C VAL C 285 -21.25 4.76 -2.83
N GLN C 286 -19.96 4.42 -2.97
CA GLN C 286 -18.87 4.92 -2.13
C GLN C 286 -17.90 5.78 -2.94
N HIS C 287 -17.79 7.06 -2.57
CA HIS C 287 -16.89 8.02 -3.20
C HIS C 287 -16.39 9.02 -2.14
N GLU C 288 -15.11 9.47 -2.23
CA GLU C 288 -14.52 10.43 -1.28
C GLU C 288 -15.29 11.76 -1.20
N GLY C 289 -16.11 12.04 -2.21
CA GLY C 289 -16.98 13.21 -2.24
C GLY C 289 -18.27 13.04 -1.46
N LEU C 290 -18.48 11.85 -0.86
CA LEU C 290 -19.67 11.54 -0.07
C LEU C 290 -19.25 11.13 1.37
N PRO C 291 -19.64 11.90 2.42
CA PRO C 291 -19.29 11.51 3.80
C PRO C 291 -19.79 10.10 4.18
N LYS C 292 -21.07 9.82 3.86
CA LYS C 292 -21.69 8.51 4.09
C LYS C 292 -22.03 7.86 2.72
N PRO C 293 -22.04 6.50 2.63
CA PRO C 293 -22.36 5.85 1.34
C PRO C 293 -23.82 6.04 0.97
N LEU C 294 -24.07 6.42 -0.28
CA LEU C 294 -25.42 6.64 -0.80
C LEU C 294 -26.10 5.32 -1.09
N THR C 295 -27.38 5.21 -0.70
CA THR C 295 -28.21 4.05 -0.98
C THR C 295 -29.30 4.44 -1.98
N LEU C 296 -29.40 3.69 -3.06
CA LEU C 296 -30.40 3.83 -4.12
C LEU C 296 -31.27 2.56 -4.16
N ARG C 297 -32.57 2.73 -4.12
CA ARG C 297 -33.58 1.68 -4.20
C ARG C 297 -34.55 2.14 -5.27
N TRP C 298 -34.95 1.24 -6.16
CA TRP C 298 -35.87 1.61 -7.23
C TRP C 298 -37.28 1.89 -6.71
N GLU C 299 -37.78 3.12 -7.00
CA GLU C 299 -39.08 3.66 -6.58
C GLU C 299 -39.24 3.76 -5.07
N MET D 1 7.34 -10.94 -27.66
CA MET D 1 6.46 -9.77 -27.74
C MET D 1 5.01 -10.09 -27.35
N ILE D 2 4.49 -9.41 -26.31
CA ILE D 2 3.11 -9.59 -25.83
C ILE D 2 2.10 -8.83 -26.70
N GLN D 3 0.86 -9.32 -26.76
CA GLN D 3 -0.24 -8.73 -27.52
C GLN D 3 -1.52 -8.73 -26.67
N ARG D 4 -2.15 -7.55 -26.48
CA ARG D 4 -3.36 -7.40 -25.65
C ARG D 4 -4.52 -6.79 -26.41
N THR D 5 -5.66 -7.51 -26.40
CA THR D 5 -6.88 -7.13 -27.10
C THR D 5 -7.46 -5.90 -26.42
N PRO D 6 -8.01 -4.95 -27.17
CA PRO D 6 -8.64 -3.79 -26.51
C PRO D 6 -10.04 -4.07 -25.96
N LYS D 7 -10.34 -3.46 -24.82
CA LYS D 7 -11.65 -3.39 -24.20
C LYS D 7 -12.28 -2.14 -24.89
N ILE D 8 -13.58 -2.20 -25.25
CA ILE D 8 -14.23 -1.07 -25.94
C ILE D 8 -15.50 -0.61 -25.23
N GLN D 9 -15.60 0.71 -24.98
CA GLN D 9 -16.83 1.28 -24.42
C GLN D 9 -17.30 2.44 -25.27
N VAL D 10 -18.56 2.40 -25.71
N VAL D 10 -18.59 2.40 -25.69
CA VAL D 10 -19.17 3.48 -26.51
CA VAL D 10 -19.23 3.44 -26.51
C VAL D 10 -20.35 4.08 -25.69
C VAL D 10 -20.36 4.06 -25.69
N TYR D 11 -20.28 5.39 -25.44
CA TYR D 11 -21.25 6.11 -24.60
C TYR D 11 -21.15 7.62 -24.87
N SER D 12 -22.08 8.42 -24.31
CA SER D 12 -22.09 9.88 -24.43
C SER D 12 -21.63 10.54 -23.15
N ARG D 13 -21.06 11.76 -23.26
CA ARG D 13 -20.61 12.55 -22.12
C ARG D 13 -21.76 12.83 -21.13
N HIS D 14 -22.89 13.31 -21.64
CA HIS D 14 -24.08 13.62 -20.86
C HIS D 14 -25.20 12.65 -21.26
N PRO D 15 -26.28 12.46 -20.45
CA PRO D 15 -27.36 11.54 -20.89
C PRO D 15 -28.02 12.04 -22.19
N ALA D 16 -28.30 11.11 -23.10
CA ALA D 16 -28.90 11.37 -24.39
C ALA D 16 -30.32 12.01 -24.37
N GLU D 17 -30.39 13.31 -24.66
CA GLU D 17 -31.65 14.07 -24.79
C GLU D 17 -31.72 14.51 -26.26
N ASN D 18 -32.78 14.05 -26.97
CA ASN D 18 -32.97 14.25 -28.41
C ASN D 18 -32.93 15.70 -28.88
N GLY D 19 -32.10 15.94 -29.90
CA GLY D 19 -31.91 17.25 -30.49
C GLY D 19 -31.13 18.22 -29.62
N LYS D 20 -30.29 17.69 -28.70
CA LYS D 20 -29.43 18.50 -27.84
C LYS D 20 -27.95 18.10 -28.07
N SER D 21 -27.06 19.09 -28.24
CA SER D 21 -25.64 18.83 -28.44
C SER D 21 -24.99 18.09 -27.25
N ASN D 22 -24.15 17.12 -27.58
CA ASN D 22 -23.46 16.24 -26.65
C ASN D 22 -22.09 15.86 -27.27
N PHE D 23 -21.44 14.84 -26.70
CA PHE D 23 -20.17 14.30 -27.20
C PHE D 23 -20.25 12.79 -27.14
N LEU D 24 -20.04 12.14 -28.27
CA LEU D 24 -20.01 10.69 -28.36
C LEU D 24 -18.56 10.22 -28.12
N ASN D 25 -18.38 9.35 -27.12
CA ASN D 25 -17.09 8.82 -26.72
C ASN D 25 -16.93 7.35 -27.06
N CYS D 26 -15.70 6.99 -27.47
CA CYS D 26 -15.25 5.63 -27.65
C CYS D 26 -13.99 5.45 -26.84
N TYR D 27 -14.10 4.76 -25.74
CA TYR D 27 -12.98 4.54 -24.86
C TYR D 27 -12.44 3.17 -25.14
N VAL D 28 -11.18 3.15 -25.56
CA VAL D 28 -10.44 1.95 -25.91
C VAL D 28 -9.30 1.85 -24.89
N SER D 29 -9.16 0.67 -24.27
CA SER D 29 -8.17 0.44 -23.21
C SER D 29 -7.65 -1.02 -23.13
N GLY D 30 -6.57 -1.18 -22.37
CA GLY D 30 -5.93 -2.46 -22.10
C GLY D 30 -5.31 -3.14 -23.29
N PHE D 31 -4.86 -2.36 -24.25
CA PHE D 31 -4.28 -2.91 -25.48
C PHE D 31 -2.75 -2.69 -25.57
N HIS D 32 -2.11 -3.58 -26.33
CA HIS D 32 -0.70 -3.60 -26.68
C HIS D 32 -0.52 -4.36 -27.98
N PRO D 33 0.24 -3.83 -28.97
CA PRO D 33 0.93 -2.52 -29.00
C PRO D 33 -0.01 -1.32 -29.20
N SER D 34 0.58 -0.12 -29.38
CA SER D 34 -0.10 1.16 -29.53
C SER D 34 -0.80 1.39 -30.87
N ASP D 35 -0.36 0.74 -31.98
CA ASP D 35 -1.04 1.00 -33.24
C ASP D 35 -2.49 0.51 -33.16
N ILE D 36 -3.40 1.45 -33.30
CA ILE D 36 -4.82 1.15 -33.24
C ILE D 36 -5.56 2.01 -34.27
N GLU D 37 -6.66 1.48 -34.82
CA GLU D 37 -7.49 2.19 -35.79
C GLU D 37 -8.89 2.27 -35.16
N VAL D 38 -9.30 3.47 -34.75
CA VAL D 38 -10.58 3.75 -34.09
C VAL D 38 -11.35 4.80 -34.91
N ASP D 39 -12.59 4.47 -35.29
CA ASP D 39 -13.49 5.34 -36.04
C ASP D 39 -14.86 5.38 -35.41
N LEU D 40 -15.48 6.56 -35.39
CA LEU D 40 -16.84 6.69 -34.88
C LEU D 40 -17.75 6.73 -36.11
N LEU D 41 -18.79 5.90 -36.12
CA LEU D 41 -19.74 5.83 -37.22
C LEU D 41 -21.12 6.41 -36.86
N LYS D 42 -21.79 7.02 -37.85
CA LYS D 42 -23.15 7.56 -37.79
C LYS D 42 -23.83 6.95 -39.00
N ASN D 43 -24.80 6.06 -38.78
CA ASN D 43 -25.53 5.36 -39.85
C ASN D 43 -24.56 4.68 -40.85
N GLY D 44 -23.63 3.89 -40.29
CA GLY D 44 -22.62 3.12 -41.02
C GLY D 44 -21.44 3.89 -41.58
N GLU D 45 -21.63 5.16 -41.88
CA GLU D 45 -20.59 6.00 -42.45
C GLU D 45 -19.66 6.56 -41.39
N ARG D 46 -18.38 6.70 -41.75
CA ARG D 46 -17.29 7.24 -40.94
C ARG D 46 -17.56 8.71 -40.66
N ILE D 47 -17.22 9.16 -39.45
CA ILE D 47 -17.35 10.55 -39.02
C ILE D 47 -15.94 11.16 -39.12
N GLU D 48 -15.80 12.28 -39.84
CA GLU D 48 -14.53 12.99 -39.97
C GLU D 48 -14.46 13.99 -38.81
N LYS D 49 -13.29 14.64 -38.57
CA LYS D 49 -13.12 15.65 -37.51
C LYS D 49 -13.16 15.05 -36.08
N VAL D 50 -13.03 13.72 -35.96
CA VAL D 50 -13.04 13.01 -34.67
C VAL D 50 -11.74 13.28 -33.91
N GLU D 51 -11.83 13.80 -32.68
CA GLU D 51 -10.65 14.10 -31.87
C GLU D 51 -10.26 12.90 -31.00
N HIS D 52 -9.04 12.89 -30.45
CA HIS D 52 -8.65 11.81 -29.54
C HIS D 52 -7.70 12.30 -28.45
N SER D 53 -7.68 11.61 -27.30
CA SER D 53 -6.84 11.94 -26.14
C SER D 53 -5.35 11.60 -26.40
N ASP D 54 -4.47 11.99 -25.48
CA ASP D 54 -3.05 11.69 -25.65
C ASP D 54 -2.74 10.35 -25.08
N LEU D 55 -2.01 9.53 -25.84
CA LEU D 55 -1.63 8.19 -25.46
C LEU D 55 -1.02 8.13 -24.07
N SER D 56 -1.59 7.22 -23.25
CA SER D 56 -1.17 6.93 -21.90
C SER D 56 -1.39 5.44 -21.66
N PHE D 57 -0.87 4.93 -20.56
CA PHE D 57 -0.91 3.51 -20.24
C PHE D 57 -1.19 3.27 -18.74
N SER D 58 -1.57 2.03 -18.39
CA SER D 58 -1.88 1.61 -17.02
CA SER D 58 -1.87 1.62 -17.02
C SER D 58 -0.68 0.87 -16.36
N LYS D 59 -0.87 0.34 -15.11
CA LYS D 59 0.15 -0.38 -14.30
C LYS D 59 0.82 -1.52 -15.07
N ASP D 60 0.01 -2.32 -15.75
CA ASP D 60 0.45 -3.47 -16.55
C ASP D 60 1.07 -3.07 -17.91
N TRP D 61 1.26 -1.74 -18.19
CA TRP D 61 1.84 -1.16 -19.43
C TRP D 61 0.91 -1.17 -20.64
N SER D 62 -0.36 -1.52 -20.47
CA SER D 62 -1.29 -1.53 -21.60
C SER D 62 -1.79 -0.10 -21.79
N PHE D 63 -2.10 0.29 -23.04
CA PHE D 63 -2.57 1.65 -23.39
C PHE D 63 -4.07 1.86 -23.32
N TYR D 64 -4.44 3.16 -23.30
CA TYR D 64 -5.81 3.61 -23.31
C TYR D 64 -5.86 4.94 -24.03
N LEU D 65 -6.93 5.12 -24.83
CA LEU D 65 -7.19 6.31 -25.61
C LEU D 65 -8.70 6.57 -25.59
N LEU D 66 -9.07 7.87 -25.54
CA LEU D 66 -10.46 8.33 -25.64
C LEU D 66 -10.60 8.97 -26.99
N TYR D 67 -11.55 8.50 -27.78
CA TYR D 67 -11.88 9.06 -29.08
C TYR D 67 -13.24 9.71 -28.91
N TYR D 68 -13.34 11.00 -29.17
CA TYR D 68 -14.59 11.73 -28.97
C TYR D 68 -14.98 12.66 -30.11
N THR D 69 -16.29 12.89 -30.29
CA THR D 69 -16.83 13.75 -31.33
C THR D 69 -18.11 14.42 -30.88
N GLU D 70 -18.24 15.71 -31.23
CA GLU D 70 -19.42 16.55 -31.00
C GLU D 70 -20.59 15.96 -31.80
N PHE D 71 -21.77 15.82 -31.18
CA PHE D 71 -22.93 15.19 -31.83
C PHE D 71 -24.30 15.56 -31.20
N THR D 72 -25.35 15.44 -32.00
CA THR D 72 -26.71 15.73 -31.57
C THR D 72 -27.52 14.43 -31.78
N PRO D 73 -27.79 13.66 -30.70
CA PRO D 73 -28.53 12.40 -30.87
C PRO D 73 -30.00 12.66 -31.18
N THR D 74 -30.60 11.78 -31.95
CA THR D 74 -31.97 11.91 -32.40
C THR D 74 -32.67 10.55 -32.35
N GLU D 75 -34.00 10.56 -32.58
CA GLU D 75 -34.86 9.37 -32.54
C GLU D 75 -34.46 8.26 -33.54
N LYS D 76 -33.82 8.62 -34.67
CA LYS D 76 -33.48 7.65 -35.71
C LYS D 76 -31.98 7.38 -35.97
N ASP D 77 -31.09 8.36 -35.73
CA ASP D 77 -29.66 8.18 -36.01
C ASP D 77 -28.99 7.06 -35.18
N GLU D 78 -28.30 6.13 -35.88
CA GLU D 78 -27.58 5.01 -35.26
C GLU D 78 -26.08 5.33 -35.18
N TYR D 79 -25.50 5.14 -33.99
CA TYR D 79 -24.11 5.40 -33.71
C TYR D 79 -23.40 4.14 -33.25
N ALA D 80 -22.10 4.05 -33.61
CA ALA D 80 -21.21 2.92 -33.31
C ALA D 80 -19.75 3.36 -33.39
N CYS D 81 -18.88 2.54 -32.84
CA CYS D 81 -17.45 2.78 -32.84
C CYS D 81 -16.78 1.52 -33.40
N ARG D 82 -15.96 1.69 -34.45
CA ARG D 82 -15.24 0.62 -35.17
C ARG D 82 -13.76 0.63 -34.77
N VAL D 83 -13.25 -0.54 -34.32
CA VAL D 83 -11.87 -0.67 -33.84
C VAL D 83 -11.13 -1.82 -34.55
N ASN D 84 -9.88 -1.55 -34.96
CA ASN D 84 -9.00 -2.54 -35.59
C ASN D 84 -7.62 -2.46 -34.95
N HIS D 85 -7.12 -3.62 -34.54
CA HIS D 85 -5.85 -3.80 -33.84
C HIS D 85 -5.32 -5.20 -34.23
N VAL D 86 -3.99 -5.42 -34.14
CA VAL D 86 -3.28 -6.66 -34.49
C VAL D 86 -3.89 -7.93 -33.80
N THR D 87 -4.44 -7.77 -32.61
CA THR D 87 -5.08 -8.86 -31.86
C THR D 87 -6.46 -9.25 -32.45
N LEU D 88 -7.00 -8.44 -33.38
CA LEU D 88 -8.30 -8.67 -34.01
C LEU D 88 -8.16 -9.27 -35.41
N SER D 89 -8.87 -10.37 -35.65
CA SER D 89 -8.91 -11.06 -36.93
C SER D 89 -9.77 -10.23 -37.88
N GLN D 90 -10.80 -9.56 -37.32
CA GLN D 90 -11.69 -8.70 -38.08
C GLN D 90 -12.05 -7.45 -37.25
N PRO D 91 -12.18 -6.24 -37.87
CA PRO D 91 -12.60 -5.05 -37.10
C PRO D 91 -13.82 -5.27 -36.21
N LYS D 92 -13.77 -4.73 -34.97
CA LYS D 92 -14.86 -4.85 -34.00
C LYS D 92 -15.76 -3.61 -34.03
N ILE D 93 -17.08 -3.82 -34.11
CA ILE D 93 -18.08 -2.75 -34.09
C ILE D 93 -18.89 -2.83 -32.80
N VAL D 94 -18.89 -1.75 -32.02
CA VAL D 94 -19.65 -1.68 -30.78
C VAL D 94 -20.67 -0.55 -30.96
N LYS D 95 -21.96 -0.92 -30.96
CA LYS D 95 -23.10 0.00 -31.18
C LYS D 95 -23.43 0.73 -29.92
N TRP D 96 -23.68 2.06 -30.00
CA TRP D 96 -24.06 2.89 -28.85
C TRP D 96 -25.49 2.68 -28.42
N ASP D 97 -25.69 2.43 -27.11
CA ASP D 97 -26.96 2.28 -26.40
C ASP D 97 -26.96 3.43 -25.41
N ARG D 98 -27.97 4.31 -25.48
CA ARG D 98 -28.10 5.51 -24.63
C ARG D 98 -28.11 5.24 -23.10
N ASP D 99 -28.40 3.98 -22.68
CA ASP D 99 -28.38 3.57 -21.27
C ASP D 99 -27.32 2.45 -20.99
N MET D 100 -26.09 2.63 -21.53
CA MET D 100 -24.98 1.69 -21.41
C MET D 100 -23.59 2.33 -21.69
N TYR E 1 -11.64 0.08 20.21
CA TYR E 1 -12.83 -0.71 20.59
C TYR E 1 -12.86 -2.06 19.87
N PHE E 2 -12.76 -3.15 20.63
CA PHE E 2 -12.82 -4.51 20.12
C PHE E 2 -14.29 -4.91 20.09
N PRO E 3 -14.91 -5.05 18.90
CA PRO E 3 -16.34 -5.39 18.85
C PRO E 3 -16.61 -6.86 19.12
N LEU E 4 -17.86 -7.21 19.38
CA LEU E 4 -18.28 -8.60 19.61
C LEU E 4 -18.19 -9.35 18.25
N GLN E 5 -17.28 -10.34 18.15
CA GLN E 5 -16.97 -11.01 16.88
C GLN E 5 -16.52 -12.48 17.06
N SER E 6 -17.25 -13.15 17.97
CA SER E 6 -17.08 -14.52 18.43
C SER E 6 -17.59 -15.53 17.40
N TYR E 7 -16.98 -15.60 16.21
CA TYR E 7 -17.44 -16.57 15.19
C TYR E 7 -16.79 -17.96 15.35
N GLY E 8 -17.62 -18.99 15.32
CA GLY E 8 -17.18 -20.37 15.43
C GLY E 8 -16.70 -20.90 14.10
N PHE E 9 -15.70 -21.77 14.16
CA PHE E 9 -15.15 -22.40 12.95
C PHE E 9 -15.99 -23.65 12.57
N TYR F 1 6.69 18.62 -12.34
CA TYR F 1 7.98 18.95 -12.96
C TYR F 1 8.78 17.67 -13.30
N PHE F 2 8.95 17.39 -14.61
CA PHE F 2 9.73 16.26 -15.10
C PHE F 2 11.22 16.63 -15.12
N PRO F 3 12.07 16.06 -14.24
CA PRO F 3 13.50 16.43 -14.28
C PRO F 3 14.26 15.60 -15.31
N LEU F 4 15.49 16.05 -15.62
CA LEU F 4 16.42 15.42 -16.55
C LEU F 4 16.90 14.06 -16.01
N GLN F 5 16.50 13.00 -16.72
CA GLN F 5 16.73 11.61 -16.33
C GLN F 5 16.84 10.76 -17.60
N SER F 6 17.55 11.32 -18.59
CA SER F 6 17.81 10.70 -19.87
C SER F 6 19.02 9.73 -19.76
N TYR F 7 18.79 8.54 -19.16
CA TYR F 7 19.76 7.45 -18.97
C TYR F 7 19.71 6.43 -20.11
N GLY F 8 20.90 6.09 -20.63
CA GLY F 8 21.11 5.11 -21.67
C GLY F 8 21.08 3.69 -21.14
N PHE F 9 20.50 2.77 -21.94
CA PHE F 9 20.43 1.36 -21.56
C PHE F 9 21.75 0.60 -21.80
#